data_2JLU
#
_entry.id   2JLU
#
_cell.length_a   132.033
_cell.length_b   105.497
_cell.length_c   72.517
_cell.angle_alpha   90.00
_cell.angle_beta   117.54
_cell.angle_gamma   90.00
#
_symmetry.space_group_name_H-M   'C 1 2 1'
#
loop_
_entity.id
_entity.type
_entity.pdbx_description
1 polymer 'SERINE PROTEASE SUBUNIT NS3'
2 polymer "5'-R(*AP*GP*AP*CP*UP*AP*AP*CP*AP*AP*CP*U)-3'"
3 non-polymer GLYCEROL
4 water water
#
loop_
_entity_poly.entity_id
_entity_poly.type
_entity_poly.pdbx_seq_one_letter_code
_entity_poly.pdbx_strand_id
1 'polypeptide(L)'
;GSAMGEPDYEVDEDIFRKKRLTIMDLHPGAGKTKRILPSIVREALKRRLRTLILAPTRVVAAEMEEALRGLPIRYQTPAV
KSDHTGREIVDLMCHATFTTRLLSSTRVPNYNLIVMDEAHFTDPCSVAARGYISTRVEMGEAAAIFMTATPPGSIDPFPQ
SNSPIEDIEREIPERSWNTGFDWITDYQGKTVWFVPSIKAGNDIANCLRKSGKRVIQLSRKTFDTEYPKTKLTDWDFVVT
TDISEMGANFRAGRVIDPRRCLKPVILTDGPERVILAGPIPVTPASAAQRRGRIGRNPAQEDDQYVFSGDPLKNDEDHAH
WTEAKMLLDNIYTPEGIIPTLFGPEREKTQAIDGEFRLRGEQRKTFVELMRRGDLPVWLSYKVASAGISYKDREWCFTGE
RNNQILEENMEVEIWTREGEKKKLRPKWLDARVYADPMALKDFKEFASGRK
;
A,B
2 'polyribonucleotide' AGACUAACAACU C,D
#
# COMPACT_ATOMS: atom_id res chain seq x y z
N GLY A 1 -35.47 1.23 -0.79
CA GLY A 1 -35.22 2.29 0.23
C GLY A 1 -34.12 1.95 1.21
N SER A 2 -33.71 2.91 2.03
CA SER A 2 -32.69 2.67 3.06
C SER A 2 -32.87 3.59 4.26
N ALA A 3 -32.16 3.26 5.35
CA ALA A 3 -32.03 4.19 6.46
C ALA A 3 -30.93 5.21 6.08
N MET A 4 -30.79 6.26 6.87
CA MET A 4 -29.86 7.36 6.59
C MET A 4 -28.46 6.93 6.21
N GLY A 5 -27.95 5.89 6.85
CA GLY A 5 -26.54 5.51 6.72
C GLY A 5 -26.20 4.36 5.79
N GLU A 6 -27.18 3.54 5.45
CA GLU A 6 -26.92 2.34 4.68
C GLU A 6 -27.24 2.53 3.21
N PRO A 7 -26.55 1.78 2.34
CA PRO A 7 -26.83 1.89 0.91
C PRO A 7 -28.19 1.31 0.56
N ASP A 8 -28.79 1.83 -0.51
CA ASP A 8 -30.11 1.40 -0.93
C ASP A 8 -30.11 -0.01 -1.53
N TYR A 9 -31.12 -0.79 -1.14
CA TYR A 9 -31.39 -2.12 -1.71
C TYR A 9 -31.77 -2.04 -3.19
N GLU A 10 -32.43 -0.95 -3.56
CA GLU A 10 -32.94 -0.72 -4.91
C GLU A 10 -32.00 0.18 -5.68
N VAL A 11 -31.58 -0.27 -6.86
CA VAL A 11 -30.81 0.55 -7.77
C VAL A 11 -31.54 0.53 -9.11
N ASP A 12 -31.68 1.71 -9.72
CA ASP A 12 -32.34 1.83 -11.02
C ASP A 12 -31.54 1.08 -12.08
N GLU A 13 -32.20 0.15 -12.78
CA GLU A 13 -31.54 -0.68 -13.79
C GLU A 13 -31.05 0.09 -15.03
N ASP A 14 -31.61 1.28 -15.26
CA ASP A 14 -31.33 1.98 -16.49
C ASP A 14 -29.89 2.58 -16.52
N ILE A 15 -29.29 2.79 -15.35
CA ILE A 15 -27.91 3.27 -15.25
C ILE A 15 -26.86 2.28 -15.80
N PHE A 16 -27.24 1.01 -15.91
CA PHE A 16 -26.35 -0.07 -16.38
C PHE A 16 -26.46 -0.34 -17.90
N ARG A 17 -27.40 0.33 -18.56
CA ARG A 17 -27.62 0.13 -20.00
C ARG A 17 -26.51 0.74 -20.83
N LYS A 18 -25.90 -0.08 -21.68
CA LYS A 18 -24.90 0.40 -22.62
C LYS A 18 -25.52 1.53 -23.44
N LYS A 19 -24.72 2.56 -23.73
CA LYS A 19 -25.18 3.80 -24.36
C LYS A 19 -25.72 4.85 -23.37
N ARG A 20 -25.90 4.47 -22.11
CA ARG A 20 -26.36 5.43 -21.09
C ARG A 20 -25.21 6.06 -20.30
N LEU A 21 -25.13 7.39 -20.33
CA LEU A 21 -24.26 8.16 -19.46
C LEU A 21 -25.16 8.87 -18.46
N THR A 22 -25.04 8.49 -17.19
CA THR A 22 -25.82 9.10 -16.11
C THR A 22 -24.99 10.16 -15.40
N ILE A 23 -25.50 11.39 -15.39
CA ILE A 23 -24.88 12.44 -14.60
C ILE A 23 -25.64 12.57 -13.28
N MET A 24 -24.97 12.22 -12.19
CA MET A 24 -25.54 12.31 -10.85
C MET A 24 -25.04 13.54 -10.12
N ASP A 25 -25.87 14.58 -10.11
CA ASP A 25 -25.58 15.82 -9.39
C ASP A 25 -26.30 15.76 -8.04
N LEU A 26 -25.53 15.54 -6.98
CA LEU A 26 -26.04 15.67 -5.61
C LEU A 26 -25.24 16.75 -4.88
N HIS A 27 -25.72 17.25 -3.74
CA HIS A 27 -24.96 18.28 -3.03
C HIS A 27 -23.83 17.68 -2.19
N PRO A 28 -22.79 18.49 -1.85
CA PRO A 28 -21.69 17.91 -1.08
C PRO A 28 -22.18 17.24 0.22
N GLY A 29 -21.71 16.01 0.46
CA GLY A 29 -22.06 15.24 1.67
C GLY A 29 -23.40 14.51 1.69
N ALA A 30 -24.02 14.34 0.52
CA ALA A 30 -25.33 13.67 0.45
C ALA A 30 -25.25 12.13 0.39
N GLY A 31 -24.08 11.59 0.76
CA GLY A 31 -23.86 10.13 0.83
C GLY A 31 -23.50 9.49 -0.49
N LYS A 32 -22.91 10.28 -1.39
CA LYS A 32 -22.46 9.82 -2.71
C LYS A 32 -21.48 8.63 -2.62
N THR A 33 -20.60 8.69 -1.61
CA THR A 33 -19.52 7.71 -1.40
C THR A 33 -19.95 6.62 -0.43
N LYS A 34 -20.54 7.02 0.69
CA LYS A 34 -20.90 6.03 1.70
C LYS A 34 -22.19 5.22 1.39
N ARG A 35 -23.05 5.75 0.53
CA ARG A 35 -24.31 5.09 0.21
C ARG A 35 -24.43 4.71 -1.26
N ILE A 36 -24.30 5.71 -2.12
CA ILE A 36 -24.63 5.56 -3.51
C ILE A 36 -23.66 4.64 -4.25
N LEU A 37 -22.37 4.91 -4.09
CA LEU A 37 -21.32 4.08 -4.71
C LEU A 37 -21.40 2.58 -4.34
N PRO A 38 -21.46 2.22 -3.04
CA PRO A 38 -21.63 0.79 -2.77
C PRO A 38 -22.93 0.15 -3.29
N SER A 39 -24.04 0.89 -3.33
CA SER A 39 -25.27 0.40 -4.00
C SER A 39 -25.01 0.03 -5.46
N ILE A 40 -24.37 0.95 -6.18
CA ILE A 40 -24.05 0.77 -7.58
C ILE A 40 -23.16 -0.45 -7.78
N VAL A 41 -22.10 -0.54 -6.97
CA VAL A 41 -21.11 -1.61 -7.11
C VAL A 41 -21.67 -2.98 -6.79
N ARG A 42 -22.47 -3.08 -5.72
CA ARG A 42 -23.15 -4.34 -5.40
C ARG A 42 -24.02 -4.80 -6.57
N GLU A 43 -24.77 -3.87 -7.16
CA GLU A 43 -25.64 -4.19 -8.28
C GLU A 43 -24.87 -4.52 -9.58
N ALA A 44 -23.75 -3.83 -9.81
CA ALA A 44 -22.84 -4.18 -10.91
C ALA A 44 -22.32 -5.61 -10.78
N LEU A 45 -21.94 -5.99 -9.56
CA LEU A 45 -21.47 -7.34 -9.27
C LEU A 45 -22.54 -8.40 -9.57
N LYS A 46 -23.77 -8.16 -9.15
CA LYS A 46 -24.90 -9.07 -9.46
C LYS A 46 -25.16 -9.17 -10.95
N ARG A 47 -24.82 -8.11 -11.68
CA ARG A 47 -25.01 -8.05 -13.12
C ARG A 47 -23.77 -8.52 -13.87
N ARG A 48 -22.72 -8.88 -13.12
CA ARG A 48 -21.48 -9.44 -13.70
C ARG A 48 -20.79 -8.48 -14.65
N LEU A 49 -20.90 -7.18 -14.35
CA LEU A 49 -20.32 -6.17 -15.23
C LEU A 49 -18.85 -5.92 -14.86
N ARG A 50 -18.01 -5.83 -15.89
CA ARG A 50 -16.61 -5.50 -15.73
C ARG A 50 -16.61 -4.00 -15.43
N THR A 51 -16.26 -3.67 -14.18
CA THR A 51 -16.51 -2.33 -13.65
C THR A 51 -15.23 -1.59 -13.30
N LEU A 52 -15.18 -0.32 -13.69
CA LEU A 52 -14.08 0.56 -13.30
C LEU A 52 -14.59 1.68 -12.41
N ILE A 53 -13.93 1.90 -11.27
CA ILE A 53 -14.27 3.02 -10.38
C ILE A 53 -13.08 3.99 -10.37
N LEU A 54 -13.37 5.28 -10.57
CA LEU A 54 -12.33 6.31 -10.68
C LEU A 54 -12.44 7.42 -9.62
N ALA A 55 -11.37 7.59 -8.85
CA ALA A 55 -11.21 8.65 -7.84
C ALA A 55 -10.22 9.73 -8.32
N PRO A 56 -10.51 11.02 -8.09
CA PRO A 56 -9.56 12.03 -8.56
C PRO A 56 -8.21 12.03 -7.82
N THR A 57 -8.24 11.65 -6.54
CA THR A 57 -7.11 11.75 -5.63
C THR A 57 -7.08 10.53 -4.72
N ARG A 58 -5.95 10.33 -4.03
CA ARG A 58 -5.84 9.25 -3.06
C ARG A 58 -6.73 9.48 -1.83
N VAL A 59 -7.05 10.75 -1.53
CA VAL A 59 -8.01 11.12 -0.48
C VAL A 59 -9.39 10.50 -0.74
N VAL A 60 -9.94 10.74 -1.94
CA VAL A 60 -11.19 10.12 -2.37
C VAL A 60 -11.11 8.58 -2.43
N ALA A 61 -10.01 8.06 -2.98
CA ALA A 61 -9.76 6.61 -3.00
C ALA A 61 -9.82 5.98 -1.61
N ALA A 62 -9.17 6.61 -0.63
CA ALA A 62 -9.21 6.17 0.76
C ALA A 62 -10.64 6.16 1.33
N GLU A 63 -11.38 7.22 1.04
CA GLU A 63 -12.77 7.33 1.49
C GLU A 63 -13.65 6.26 0.83
N MET A 64 -13.39 5.96 -0.44
CA MET A 64 -14.16 4.94 -1.17
C MET A 64 -13.95 3.55 -0.56
N GLU A 65 -12.71 3.20 -0.26
CA GLU A 65 -12.40 1.90 0.34
C GLU A 65 -13.11 1.69 1.70
N GLU A 66 -13.23 2.75 2.48
CA GLU A 66 -13.98 2.69 3.76
C GLU A 66 -15.43 2.26 3.53
N ALA A 67 -16.05 2.79 2.47
CA ALA A 67 -17.44 2.49 2.15
C ALA A 67 -17.60 1.16 1.43
N LEU A 68 -16.55 0.76 0.71
CA LEU A 68 -16.62 -0.45 -0.13
C LEU A 68 -16.00 -1.68 0.52
N ARG A 69 -15.55 -1.51 1.76
CA ARG A 69 -14.83 -2.54 2.49
C ARG A 69 -15.63 -3.84 2.58
N GLY A 70 -15.02 -4.93 2.13
CA GLY A 70 -15.65 -6.24 2.14
C GLY A 70 -16.04 -6.73 0.75
N LEU A 71 -16.25 -5.78 -0.17
CA LEU A 71 -16.55 -6.11 -1.56
C LEU A 71 -15.29 -6.55 -2.31
N PRO A 72 -15.44 -7.46 -3.29
CA PRO A 72 -14.31 -7.94 -4.10
C PRO A 72 -13.82 -6.91 -5.10
N ILE A 73 -12.96 -6.00 -4.64
CA ILE A 73 -12.47 -4.89 -5.48
C ILE A 73 -10.94 -4.94 -5.61
N ARG A 74 -10.46 -4.86 -6.85
CA ARG A 74 -9.03 -4.71 -7.13
C ARG A 74 -8.60 -3.23 -7.01
N TYR A 75 -7.91 -2.90 -5.92
CA TYR A 75 -7.41 -1.53 -5.75
C TYR A 75 -6.10 -1.35 -6.49
N GLN A 76 -6.08 -0.39 -7.41
CA GLN A 76 -4.87 -0.08 -8.19
C GLN A 76 -4.35 1.33 -7.85
N THR A 77 -4.14 1.55 -6.55
CA THR A 77 -3.60 2.79 -6.00
C THR A 77 -2.75 2.46 -4.74
N PRO A 78 -1.56 3.10 -4.61
CA PRO A 78 -0.79 2.95 -3.38
C PRO A 78 -1.51 3.42 -2.11
N ALA A 79 -2.62 4.13 -2.26
CA ALA A 79 -3.44 4.64 -1.16
C ALA A 79 -4.19 3.54 -0.41
N VAL A 80 -4.44 2.43 -1.09
CA VAL A 80 -5.17 1.33 -0.50
C VAL A 80 -4.40 0.03 -0.71
N LYS A 81 -4.33 -0.76 0.35
CA LYS A 81 -3.90 -2.13 0.24
C LYS A 81 -4.95 -3.07 0.79
N SER A 82 -5.21 -4.14 0.05
CA SER A 82 -6.16 -5.18 0.44
C SER A 82 -5.81 -6.50 -0.22
N ASP A 83 -6.49 -7.57 0.19
CA ASP A 83 -6.19 -8.89 -0.38
C ASP A 83 -6.88 -9.10 -1.73
N HIS A 84 -6.09 -9.00 -2.80
CA HIS A 84 -6.59 -9.19 -4.15
C HIS A 84 -6.11 -10.51 -4.77
N THR A 85 -7.08 -11.27 -5.26
CA THR A 85 -6.82 -12.43 -6.09
C THR A 85 -7.33 -12.12 -7.50
N GLY A 86 -6.40 -11.85 -8.42
CA GLY A 86 -6.70 -11.32 -9.76
C GLY A 86 -7.88 -11.84 -10.57
N ARG A 87 -8.94 -12.27 -9.86
CA ARG A 87 -10.21 -12.65 -10.47
C ARG A 87 -11.32 -11.61 -10.24
N GLU A 88 -11.00 -10.52 -9.55
CA GLU A 88 -11.95 -9.41 -9.36
C GLU A 88 -12.43 -8.84 -10.70
N ILE A 89 -13.71 -8.51 -10.77
CA ILE A 89 -14.25 -7.85 -11.96
C ILE A 89 -14.44 -6.34 -11.76
N VAL A 90 -14.18 -5.86 -10.54
CA VAL A 90 -14.25 -4.41 -10.23
C VAL A 90 -12.86 -3.87 -9.92
N ASP A 91 -12.46 -2.83 -10.66
CA ASP A 91 -11.15 -2.16 -10.46
C ASP A 91 -11.39 -0.76 -9.94
N LEU A 92 -10.51 -0.30 -9.06
CA LEU A 92 -10.56 1.07 -8.57
C LEU A 92 -9.17 1.71 -8.66
N MET A 93 -9.12 2.88 -9.31
CA MET A 93 -7.87 3.65 -9.45
C MET A 93 -8.17 5.14 -9.56
N CYS A 94 -7.10 5.94 -9.56
CA CYS A 94 -7.27 7.38 -9.75
C CYS A 94 -7.48 7.76 -11.21
N HIS A 95 -8.16 8.89 -11.43
CA HIS A 95 -8.42 9.36 -12.82
C HIS A 95 -7.15 9.29 -13.67
N ALA A 96 -6.05 9.86 -13.15
CA ALA A 96 -4.82 9.98 -13.92
C ALA A 96 -4.17 8.62 -14.20
N THR A 97 -4.35 7.67 -13.30
CA THR A 97 -3.81 6.32 -13.49
C THR A 97 -4.45 5.67 -14.70
N PHE A 98 -5.76 5.85 -14.84
CA PHE A 98 -6.50 5.27 -15.96
C PHE A 98 -5.98 5.86 -17.27
N THR A 99 -5.88 7.18 -17.31
CA THR A 99 -5.40 7.85 -18.53
C THR A 99 -3.98 7.37 -18.90
N THR A 100 -3.13 7.25 -17.90
CA THR A 100 -1.79 6.68 -18.08
C THR A 100 -1.82 5.29 -18.70
N ARG A 101 -2.70 4.43 -18.19
CA ARG A 101 -2.86 3.07 -18.72
C ARG A 101 -3.36 3.07 -20.17
N LEU A 102 -4.32 3.95 -20.47
CA LEU A 102 -4.78 4.16 -21.84
C LEU A 102 -3.65 4.56 -22.79
N LEU A 103 -2.72 5.40 -22.31
CA LEU A 103 -1.62 5.89 -23.14
C LEU A 103 -0.46 4.91 -23.29
N SER A 104 -0.38 3.92 -22.41
CA SER A 104 0.75 3.01 -22.33
C SER A 104 0.40 1.68 -23.00
N SER A 105 1.22 0.66 -22.76
CA SER A 105 0.85 -0.71 -23.19
C SER A 105 1.51 -1.79 -22.32
N THR A 106 0.82 -2.33 -21.30
CA THR A 106 -0.53 -1.99 -20.77
C THR A 106 -1.77 -1.95 -21.70
N ARG A 107 -2.47 -3.08 -21.78
CA ARG A 107 -3.79 -3.11 -22.40
C ARG A 107 -4.90 -3.02 -21.35
N VAL A 108 -5.92 -2.23 -21.65
CA VAL A 108 -6.96 -1.89 -20.71
C VAL A 108 -8.16 -2.85 -20.86
N PRO A 109 -8.75 -3.30 -19.73
CA PRO A 109 -9.91 -4.17 -19.81
C PRO A 109 -11.10 -3.50 -20.48
N ASN A 110 -11.95 -4.30 -21.10
CA ASN A 110 -13.15 -3.80 -21.72
C ASN A 110 -14.28 -3.60 -20.71
N TYR A 111 -14.22 -2.51 -19.97
CA TYR A 111 -15.24 -2.17 -18.98
C TYR A 111 -16.64 -1.98 -19.59
N ASN A 112 -17.59 -2.75 -19.07
CA ASN A 112 -19.01 -2.62 -19.34
C ASN A 112 -19.62 -1.42 -18.60
N LEU A 113 -19.05 -1.10 -17.44
CA LEU A 113 -19.51 0.00 -16.58
C LEU A 113 -18.35 0.80 -16.01
N ILE A 114 -18.45 2.12 -16.15
CA ILE A 114 -17.44 3.04 -15.64
C ILE A 114 -18.06 4.09 -14.72
N VAL A 115 -17.57 4.13 -13.48
CA VAL A 115 -18.06 5.09 -12.51
C VAL A 115 -16.95 6.10 -12.24
N MET A 116 -17.16 7.35 -12.67
CA MET A 116 -16.20 8.39 -12.37
C MET A 116 -16.72 9.31 -11.28
N ASP A 117 -16.06 9.25 -10.12
CA ASP A 117 -16.42 10.14 -9.03
C ASP A 117 -15.69 11.46 -9.23
N GLU A 118 -16.33 12.55 -8.80
CA GLU A 118 -15.76 13.89 -8.97
C GLU A 118 -15.51 14.20 -10.42
N ALA A 119 -16.53 13.95 -11.23
CA ALA A 119 -16.42 14.04 -12.69
C ALA A 119 -16.31 15.46 -13.26
N HIS A 120 -16.19 16.49 -12.40
CA HIS A 120 -15.89 17.86 -12.81
C HIS A 120 -14.37 18.19 -12.74
N PHE A 121 -13.57 17.30 -12.16
CA PHE A 121 -12.14 17.53 -11.91
C PHE A 121 -11.43 17.87 -13.23
N THR A 122 -10.80 19.04 -13.29
CA THR A 122 -10.27 19.61 -14.53
C THR A 122 -8.77 19.32 -14.81
N ASP A 123 -8.11 18.52 -13.96
CA ASP A 123 -6.80 17.96 -14.32
C ASP A 123 -6.86 17.44 -15.76
N PRO A 124 -5.83 17.73 -16.60
CA PRO A 124 -5.91 17.32 -18.00
C PRO A 124 -6.15 15.81 -18.21
N CYS A 125 -5.58 14.95 -17.37
CA CYS A 125 -5.81 13.50 -17.46
C CYS A 125 -7.26 13.13 -17.19
N SER A 126 -7.90 13.88 -16.32
CA SER A 126 -9.29 13.61 -15.95
C SER A 126 -10.24 14.06 -17.05
N VAL A 127 -9.94 15.21 -17.64
CA VAL A 127 -10.66 15.68 -18.84
C VAL A 127 -10.55 14.68 -20.00
N ALA A 128 -9.31 14.26 -20.29
CA ALA A 128 -9.03 13.22 -21.30
C ALA A 128 -9.76 11.90 -21.04
N ALA A 129 -9.74 11.44 -19.78
CA ALA A 129 -10.49 10.23 -19.40
C ALA A 129 -11.98 10.30 -19.72
N ARG A 130 -12.61 11.44 -19.42
CA ARG A 130 -14.05 11.64 -19.71
C ARG A 130 -14.35 11.63 -21.18
N GLY A 131 -13.38 12.10 -21.98
CA GLY A 131 -13.44 11.95 -23.42
C GLY A 131 -13.54 10.49 -23.81
N TYR A 132 -12.62 9.68 -23.27
CA TYR A 132 -12.59 8.26 -23.59
C TYR A 132 -13.88 7.56 -23.14
N ILE A 133 -14.30 7.86 -21.90
CA ILE A 133 -15.46 7.22 -21.29
C ILE A 133 -16.75 7.57 -22.06
N SER A 134 -16.96 8.85 -22.37
CA SER A 134 -18.15 9.25 -23.13
C SER A 134 -18.17 8.67 -24.55
N THR A 135 -17.00 8.46 -25.13
CA THR A 135 -16.90 7.76 -26.43
C THR A 135 -17.26 6.26 -26.32
N ARG A 136 -16.79 5.59 -25.27
CA ARG A 136 -17.15 4.18 -25.04
C ARG A 136 -18.67 4.02 -24.92
N VAL A 137 -19.29 4.93 -24.15
CA VAL A 137 -20.74 5.01 -24.02
C VAL A 137 -21.44 5.23 -25.36
N GLU A 138 -21.00 6.23 -26.12
CA GLU A 138 -21.59 6.53 -27.41
C GLU A 138 -21.45 5.42 -28.46
N MET A 139 -20.35 4.67 -28.41
CA MET A 139 -20.13 3.53 -29.31
C MET A 139 -21.01 2.35 -28.93
N GLY A 140 -21.63 2.44 -27.76
CA GLY A 140 -22.46 1.34 -27.25
C GLY A 140 -21.65 0.24 -26.60
N GLU A 141 -20.42 0.56 -26.20
CA GLU A 141 -19.56 -0.42 -25.54
C GLU A 141 -19.63 -0.40 -24.02
N ALA A 142 -20.16 0.68 -23.45
CA ALA A 142 -20.23 0.81 -22.00
C ALA A 142 -21.39 1.70 -21.54
N ALA A 143 -21.77 1.52 -20.28
CA ALA A 143 -22.55 2.50 -19.54
C ALA A 143 -21.62 3.23 -18.59
N ALA A 144 -21.89 4.51 -18.32
CA ALA A 144 -21.05 5.29 -17.42
C ALA A 144 -21.88 6.17 -16.52
N ILE A 145 -21.32 6.43 -15.35
CA ILE A 145 -21.91 7.28 -14.34
C ILE A 145 -20.89 8.32 -13.92
N PHE A 146 -21.24 9.59 -14.14
CA PHE A 146 -20.44 10.75 -13.70
C PHE A 146 -21.09 11.33 -12.45
N MET A 147 -20.36 11.31 -11.33
CA MET A 147 -20.90 11.77 -10.07
C MET A 147 -20.16 13.03 -9.65
N THR A 148 -20.91 14.09 -9.39
CA THR A 148 -20.32 15.32 -8.88
C THR A 148 -21.35 16.28 -8.33
N ALA A 149 -21.02 16.90 -7.19
CA ALA A 149 -21.82 17.96 -6.60
C ALA A 149 -21.70 19.27 -7.39
N THR A 150 -20.69 19.36 -8.24
CA THR A 150 -20.40 20.59 -8.97
C THR A 150 -20.23 20.29 -10.46
N PRO A 151 -21.33 19.94 -11.16
CA PRO A 151 -21.18 19.63 -12.59
C PRO A 151 -20.86 20.86 -13.45
N PRO A 152 -20.30 20.64 -14.65
CA PRO A 152 -20.17 21.69 -15.67
C PRO A 152 -21.39 22.59 -15.67
N GLY A 153 -21.18 23.90 -15.54
CA GLY A 153 -22.28 24.85 -15.44
C GLY A 153 -22.50 25.34 -14.02
N SER A 154 -21.73 24.79 -13.08
CA SER A 154 -21.72 25.24 -11.68
C SER A 154 -21.14 26.64 -11.55
N ILE A 155 -21.84 27.45 -10.78
CA ILE A 155 -21.55 28.86 -10.66
C ILE A 155 -21.69 29.20 -9.18
N ASP A 156 -22.38 28.34 -8.44
CA ASP A 156 -22.73 28.62 -7.05
C ASP A 156 -21.67 28.19 -6.06
N PRO A 157 -20.94 29.15 -5.46
CA PRO A 157 -19.89 28.75 -4.51
C PRO A 157 -20.42 28.29 -3.16
N PHE A 158 -21.73 28.48 -2.92
CA PHE A 158 -22.35 28.24 -1.62
C PHE A 158 -23.53 27.28 -1.70
N PRO A 159 -23.30 26.04 -2.16
CA PRO A 159 -24.45 25.15 -2.33
C PRO A 159 -25.00 24.58 -1.01
N GLN A 160 -26.02 23.74 -1.15
CA GLN A 160 -26.69 23.07 -0.05
C GLN A 160 -25.73 22.18 0.73
N SER A 161 -25.93 22.15 2.05
CA SER A 161 -25.13 21.37 2.98
C SER A 161 -26.05 20.62 3.93
N ASN A 162 -25.51 19.61 4.61
CA ASN A 162 -26.30 18.79 5.54
C ASN A 162 -26.58 19.54 6.83
N SER A 163 -25.74 20.53 7.12
CA SER A 163 -25.84 21.32 8.32
C SER A 163 -25.58 22.78 7.92
N PRO A 164 -26.21 23.77 8.62
CA PRO A 164 -25.97 25.17 8.30
C PRO A 164 -24.49 25.55 8.31
N ILE A 165 -24.08 26.41 7.37
CA ILE A 165 -22.72 26.90 7.28
C ILE A 165 -22.73 28.42 7.42
N GLU A 166 -21.88 28.93 8.32
CA GLU A 166 -21.67 30.37 8.44
C GLU A 166 -20.58 30.82 7.45
N ASP A 167 -21.00 31.49 6.37
CA ASP A 167 -20.06 32.00 5.36
C ASP A 167 -19.53 33.39 5.76
N ILE A 168 -18.21 33.49 5.96
CA ILE A 168 -17.54 34.69 6.46
C ILE A 168 -16.42 35.12 5.49
N GLU A 169 -16.46 36.38 5.06
CA GLU A 169 -15.38 36.93 4.22
C GLU A 169 -14.42 37.77 5.06
N ARG A 170 -13.14 37.39 5.01
CA ARG A 170 -12.08 38.01 5.80
C ARG A 170 -10.80 37.93 4.96
N GLU A 171 -9.89 38.87 5.18
CA GLU A 171 -8.55 38.73 4.62
C GLU A 171 -7.90 37.50 5.26
N ILE A 172 -7.22 36.70 4.43
CA ILE A 172 -6.56 35.47 4.83
C ILE A 172 -5.07 35.59 4.49
N PRO A 173 -4.18 35.35 5.47
CA PRO A 173 -2.74 35.39 5.18
C PRO A 173 -2.29 34.34 4.14
N GLU A 174 -1.46 34.76 3.20
CA GLU A 174 -0.83 33.82 2.28
C GLU A 174 0.59 33.43 2.74
N ARG A 175 1.10 34.16 3.74
CA ARG A 175 2.41 33.94 4.36
C ARG A 175 2.29 33.95 5.91
N SER A 176 3.41 33.67 6.61
CA SER A 176 3.50 33.80 8.07
C SER A 176 3.07 35.19 8.53
N TRP A 177 2.40 35.27 9.68
CA TRP A 177 2.04 36.57 10.27
C TRP A 177 2.55 36.68 11.71
N ASN A 178 2.69 37.90 12.23
CA ASN A 178 3.09 38.06 13.62
C ASN A 178 1.96 38.60 14.50
N THR A 179 1.04 39.32 13.87
CA THR A 179 -0.10 39.95 14.55
C THR A 179 -1.20 40.23 13.54
N GLY A 180 -2.35 40.69 14.02
CA GLY A 180 -3.46 41.12 13.16
C GLY A 180 -4.42 40.03 12.69
N PHE A 181 -4.16 38.78 13.08
CA PHE A 181 -5.01 37.66 12.68
C PHE A 181 -5.36 36.75 13.85
N ASP A 182 -5.74 37.36 14.98
CA ASP A 182 -6.09 36.61 16.20
C ASP A 182 -7.23 35.62 16.02
N TRP A 183 -8.17 35.96 15.14
CA TRP A 183 -9.31 35.08 14.86
C TRP A 183 -8.91 33.68 14.35
N ILE A 184 -7.73 33.59 13.73
CA ILE A 184 -7.24 32.29 13.26
C ILE A 184 -6.92 31.36 14.43
N THR A 185 -6.15 31.88 15.39
CA THR A 185 -5.63 31.08 16.51
C THR A 185 -6.51 31.11 17.77
N ASP A 186 -7.46 32.04 17.83
CA ASP A 186 -8.40 32.13 18.96
C ASP A 186 -9.50 31.10 18.87
N TYR A 187 -9.83 30.73 17.63
CA TYR A 187 -10.85 29.73 17.34
C TYR A 187 -10.50 28.44 18.08
N GLN A 188 -11.51 27.82 18.69
CA GLN A 188 -11.28 26.69 19.60
C GLN A 188 -11.50 25.31 18.98
N GLY A 189 -12.06 25.28 17.77
CA GLY A 189 -12.30 24.01 17.07
C GLY A 189 -11.21 23.57 16.10
N LYS A 190 -11.58 22.67 15.17
CA LYS A 190 -10.66 22.15 14.17
C LYS A 190 -10.78 22.86 12.83
N THR A 191 -9.63 23.22 12.25
CA THR A 191 -9.58 23.96 11.00
C THR A 191 -8.91 23.21 9.85
N VAL A 192 -9.51 23.31 8.67
CA VAL A 192 -8.91 22.81 7.45
C VAL A 192 -8.60 24.05 6.60
N TRP A 193 -7.32 24.28 6.34
CA TRP A 193 -6.85 25.48 5.65
C TRP A 193 -6.29 25.05 4.30
N PHE A 194 -6.89 25.54 3.22
CA PHE A 194 -6.42 25.18 1.87
C PHE A 194 -5.31 26.11 1.41
N VAL A 195 -4.18 25.55 0.96
CA VAL A 195 -3.05 26.34 0.46
C VAL A 195 -2.75 26.00 -1.01
N PRO A 196 -2.35 27.01 -1.80
CA PRO A 196 -2.07 26.78 -3.22
C PRO A 196 -0.78 25.98 -3.49
N SER A 197 0.11 25.90 -2.49
CA SER A 197 1.41 25.25 -2.64
C SER A 197 1.95 24.68 -1.33
N ILE A 198 2.91 23.76 -1.46
CA ILE A 198 3.53 23.13 -0.30
C ILE A 198 4.45 24.13 0.43
N LYS A 199 5.11 25.01 -0.33
CA LYS A 199 5.95 26.07 0.24
C LYS A 199 5.14 26.98 1.17
N ALA A 200 3.99 27.44 0.69
CA ALA A 200 3.09 28.28 1.48
C ALA A 200 2.55 27.49 2.66
N GLY A 201 2.21 26.23 2.41
CA GLY A 201 1.75 25.29 3.44
C GLY A 201 2.75 25.13 4.56
N ASN A 202 4.01 24.91 4.22
CA ASN A 202 5.09 24.79 5.20
C ASN A 202 5.22 26.06 6.07
N ASP A 203 5.16 27.21 5.40
CA ASP A 203 5.32 28.52 6.03
C ASP A 203 4.16 28.82 6.95
N ILE A 204 2.93 28.55 6.50
CA ILE A 204 1.73 28.76 7.32
C ILE A 204 1.74 27.81 8.52
N ALA A 205 2.09 26.55 8.27
CA ALA A 205 2.09 25.51 9.30
C ALA A 205 3.10 25.80 10.42
N ASN A 206 4.29 26.27 10.05
CA ASN A 206 5.31 26.63 11.03
C ASN A 206 4.88 27.81 11.89
N CYS A 207 4.18 28.76 11.27
CA CYS A 207 3.61 29.90 11.98
C CYS A 207 2.61 29.44 13.04
N LEU A 208 1.74 28.50 12.67
CA LEU A 208 0.74 27.97 13.60
C LEU A 208 1.36 27.14 14.71
N ARG A 209 2.35 26.32 14.37
CA ARG A 209 3.05 25.49 15.36
C ARG A 209 3.73 26.30 16.45
N LYS A 210 4.30 27.46 16.10
CA LYS A 210 4.93 28.32 17.11
C LYS A 210 3.89 29.14 17.90
N SER A 211 2.62 28.96 17.56
CA SER A 211 1.52 29.49 18.36
C SER A 211 0.95 28.39 19.26
N GLY A 212 1.66 27.25 19.33
CA GLY A 212 1.26 26.13 20.18
C GLY A 212 0.17 25.27 19.56
N LYS A 213 0.00 25.39 18.24
CA LYS A 213 -1.04 24.66 17.51
C LYS A 213 -0.52 23.33 17.01
N ARG A 214 -1.39 22.32 17.03
CA ARG A 214 -1.09 21.01 16.48
C ARG A 214 -1.53 20.99 15.02
N VAL A 215 -0.56 20.85 14.12
CA VAL A 215 -0.81 20.99 12.70
C VAL A 215 -0.41 19.74 11.93
N ILE A 216 -1.32 19.28 11.07
CA ILE A 216 -1.05 18.20 10.13
C ILE A 216 -0.96 18.82 8.75
N GLN A 217 0.13 18.53 8.06
CA GLN A 217 0.33 18.99 6.69
C GLN A 217 0.00 17.88 5.68
N LEU A 218 -0.87 18.21 4.73
CA LEU A 218 -1.37 17.24 3.77
C LEU A 218 -1.12 17.70 2.34
N SER A 219 -0.47 16.84 1.58
CA SER A 219 -0.18 17.06 0.17
C SER A 219 0.24 15.73 -0.44
N ARG A 220 0.53 15.72 -1.75
CA ARG A 220 1.00 14.50 -2.43
C ARG A 220 2.20 13.81 -1.72
N LYS A 221 3.17 14.61 -1.24
CA LYS A 221 4.36 14.04 -0.61
C LYS A 221 4.16 13.48 0.81
N THR A 222 3.13 13.97 1.53
CA THR A 222 2.92 13.59 2.94
C THR A 222 1.66 12.77 3.21
N PHE A 223 0.88 12.49 2.16
CA PHE A 223 -0.39 11.76 2.29
C PHE A 223 -0.30 10.46 3.11
N ASP A 224 0.73 9.65 2.84
CA ASP A 224 0.75 8.28 3.36
C ASP A 224 0.81 8.20 4.89
N THR A 225 1.64 9.05 5.49
CA THR A 225 1.83 9.06 6.94
C THR A 225 0.88 10.02 7.61
N GLU A 226 0.55 11.13 6.93
CA GLU A 226 -0.24 12.18 7.57
C GLU A 226 -1.78 12.10 7.40
N TYR A 227 -2.26 11.49 6.32
CA TYR A 227 -3.72 11.30 6.16
C TYR A 227 -4.41 10.48 7.26
N PRO A 228 -3.85 9.31 7.64
CA PRO A 228 -4.42 8.56 8.78
C PRO A 228 -4.46 9.35 10.10
N LYS A 229 -3.53 10.27 10.28
CA LYS A 229 -3.51 11.15 11.48
C LYS A 229 -4.70 12.11 11.56
N THR A 230 -5.27 12.47 10.41
CA THR A 230 -6.42 13.38 10.34
C THR A 230 -7.69 12.75 10.93
N LYS A 231 -7.70 11.42 11.00
CA LYS A 231 -8.85 10.66 11.51
C LYS A 231 -8.86 10.60 13.05
N LEU A 232 -7.74 10.97 13.66
CA LEU A 232 -7.63 11.11 15.12
C LEU A 232 -8.21 12.46 15.55
N THR A 233 -8.35 12.65 16.86
CA THR A 233 -8.82 13.93 17.43
C THR A 233 -7.64 14.84 17.78
N ASP A 234 -6.45 14.36 17.43
CA ASP A 234 -5.19 14.80 17.99
C ASP A 234 -4.66 16.11 17.41
N TRP A 235 -5.50 16.85 16.67
CA TRP A 235 -5.04 18.01 15.89
C TRP A 235 -5.91 19.26 15.98
N ASP A 236 -5.32 20.41 15.65
CA ASP A 236 -6.02 21.68 15.56
C ASP A 236 -6.22 22.14 14.11
N PHE A 237 -5.17 22.00 13.30
CA PHE A 237 -5.18 22.47 11.91
C PHE A 237 -4.74 21.36 10.94
N VAL A 238 -5.50 21.17 9.86
CA VAL A 238 -4.99 20.49 8.66
C VAL A 238 -4.68 21.60 7.66
N VAL A 239 -3.42 21.75 7.28
CA VAL A 239 -3.04 22.67 6.24
C VAL A 239 -2.82 21.82 5.01
N THR A 240 -3.69 21.98 4.01
CA THR A 240 -3.71 21.06 2.89
C THR A 240 -3.69 21.75 1.52
N THR A 241 -3.09 21.10 0.54
CA THR A 241 -3.28 21.44 -0.86
C THR A 241 -4.66 20.92 -1.25
N ASP A 242 -5.06 21.15 -2.49
CA ASP A 242 -6.31 20.58 -3.02
C ASP A 242 -6.33 19.04 -3.16
N ILE A 243 -5.31 18.38 -2.64
CA ILE A 243 -5.39 16.92 -2.50
C ILE A 243 -6.66 16.56 -1.70
N SER A 244 -7.08 17.46 -0.81
CA SER A 244 -8.24 17.25 0.06
C SER A 244 -9.46 18.06 -0.37
N GLU A 245 -9.42 18.69 -1.52
CA GLU A 245 -10.54 19.52 -1.98
C GLU A 245 -11.86 18.75 -2.07
N MET A 246 -11.78 17.53 -2.56
CA MET A 246 -12.93 16.66 -2.80
C MET A 246 -12.89 15.50 -1.83
N GLY A 247 -14.07 15.07 -1.37
CA GLY A 247 -14.26 13.77 -0.72
C GLY A 247 -13.95 13.69 0.77
N ALA A 248 -12.94 14.45 1.22
CA ALA A 248 -12.42 14.30 2.57
C ALA A 248 -13.49 14.44 3.67
N ASN A 249 -13.43 13.54 4.65
CA ASN A 249 -14.31 13.57 5.79
C ASN A 249 -13.51 13.87 7.05
N PHE A 250 -12.97 15.09 7.11
CA PHE A 250 -12.27 15.59 8.27
C PHE A 250 -13.34 15.80 9.31
N ARG A 251 -12.97 15.83 10.57
CA ARG A 251 -14.02 16.13 11.53
C ARG A 251 -13.86 17.54 12.05
N ALA A 252 -13.98 18.48 11.11
CA ALA A 252 -13.60 19.85 11.36
C ALA A 252 -14.81 20.73 11.61
N GLY A 253 -14.57 21.93 12.16
CA GLY A 253 -15.63 22.91 12.39
C GLY A 253 -15.46 24.12 11.49
N ARG A 254 -14.30 24.24 10.87
CA ARG A 254 -14.02 25.43 10.07
C ARG A 254 -13.10 25.17 8.89
N VAL A 255 -13.43 25.81 7.78
CA VAL A 255 -12.57 25.85 6.60
C VAL A 255 -12.07 27.27 6.39
N ILE A 256 -10.76 27.40 6.14
CA ILE A 256 -10.16 28.65 5.69
C ILE A 256 -9.81 28.48 4.21
N ASP A 257 -10.37 29.33 3.35
CA ASP A 257 -10.18 29.17 1.91
C ASP A 257 -9.76 30.51 1.29
N PRO A 258 -8.45 30.68 1.03
CA PRO A 258 -7.96 31.91 0.40
C PRO A 258 -8.50 32.04 -1.02
N ARG A 259 -9.05 30.94 -1.54
CA ARG A 259 -9.68 30.92 -2.87
C ARG A 259 -8.76 31.40 -3.98
N ARG A 260 -7.45 31.12 -3.88
CA ARG A 260 -6.55 31.46 -4.99
C ARG A 260 -5.48 30.41 -5.28
N CYS A 261 -4.99 30.43 -6.51
CA CYS A 261 -4.07 29.41 -7.03
C CYS A 261 -3.18 29.98 -8.13
N LEU A 262 -2.09 29.28 -8.43
CA LEU A 262 -1.33 29.55 -9.64
C LEU A 262 -1.96 28.76 -10.78
N LYS A 263 -1.88 29.31 -12.00
CA LYS A 263 -2.46 28.70 -13.17
C LYS A 263 -1.40 28.60 -14.26
N PRO A 264 -1.10 27.36 -14.72
CA PRO A 264 -0.28 27.26 -15.95
C PRO A 264 -1.01 27.83 -17.14
N VAL A 265 -0.31 28.66 -17.90
CA VAL A 265 -0.87 29.32 -19.07
C VAL A 265 0.06 29.18 -20.27
N ILE A 266 -0.46 28.71 -21.39
CA ILE A 266 0.30 28.68 -22.63
C ILE A 266 0.24 30.06 -23.31
N LEU A 267 1.39 30.71 -23.38
CA LEU A 267 1.54 31.97 -24.12
C LEU A 267 1.82 31.71 -25.60
N THR A 268 1.17 32.49 -26.47
CA THR A 268 1.32 32.37 -27.93
C THR A 268 1.86 33.66 -28.57
N ASP A 269 2.08 34.65 -27.71
CA ASP A 269 2.73 35.94 -28.06
C ASP A 269 4.23 35.66 -28.11
N GLY A 270 4.80 35.56 -29.30
CA GLY A 270 6.19 35.11 -29.45
C GLY A 270 6.29 33.60 -29.34
N PRO A 271 7.51 33.06 -29.16
CA PRO A 271 7.70 31.60 -29.08
C PRO A 271 6.81 31.01 -27.99
N GLU A 272 6.10 29.93 -28.34
CA GLU A 272 5.16 29.31 -27.43
C GLU A 272 5.86 28.82 -26.16
N ARG A 273 5.26 29.12 -25.01
CA ARG A 273 5.85 28.78 -23.72
C ARG A 273 4.81 28.71 -22.63
N VAL A 274 5.12 28.03 -21.53
CA VAL A 274 4.21 27.96 -20.40
C VAL A 274 4.73 28.80 -19.23
N ILE A 275 3.84 29.61 -18.68
CA ILE A 275 4.16 30.43 -17.50
C ILE A 275 3.26 30.00 -16.36
N LEU A 276 3.64 30.31 -15.12
CA LEU A 276 2.70 30.14 -14.01
C LEU A 276 2.12 31.50 -13.66
N ALA A 277 0.85 31.70 -14.02
CA ALA A 277 0.18 32.98 -13.84
C ALA A 277 -0.50 33.04 -12.47
N GLY A 278 -0.61 34.25 -11.92
CA GLY A 278 -1.34 34.47 -10.68
C GLY A 278 -0.49 34.92 -9.50
N PRO A 279 -0.96 34.66 -8.26
CA PRO A 279 -2.18 33.87 -7.99
C PRO A 279 -3.48 34.49 -8.53
N ILE A 280 -4.38 33.63 -8.99
CA ILE A 280 -5.68 34.07 -9.47
C ILE A 280 -6.76 33.30 -8.70
N PRO A 281 -8.00 33.84 -8.66
CA PRO A 281 -9.07 33.13 -7.97
C PRO A 281 -9.33 31.71 -8.50
N VAL A 282 -9.70 30.81 -7.60
CA VAL A 282 -10.10 29.44 -7.99
C VAL A 282 -11.46 29.53 -8.67
N THR A 283 -11.87 28.45 -9.31
CA THR A 283 -13.21 28.37 -9.90
C THR A 283 -14.27 28.21 -8.80
N PRO A 284 -15.55 28.57 -9.10
CA PRO A 284 -16.72 28.34 -8.23
C PRO A 284 -16.81 26.91 -7.73
N ALA A 285 -16.51 25.96 -8.61
CA ALA A 285 -16.52 24.52 -8.27
C ALA A 285 -15.50 24.17 -7.21
N SER A 286 -14.26 24.66 -7.35
CA SER A 286 -13.25 24.45 -6.32
C SER A 286 -13.64 25.06 -4.99
N ALA A 287 -14.12 26.31 -5.02
CA ALA A 287 -14.60 27.00 -3.82
C ALA A 287 -15.74 26.23 -3.13
N ALA A 288 -16.72 25.79 -3.91
CA ALA A 288 -17.82 24.97 -3.37
C ALA A 288 -17.38 23.63 -2.79
N GLN A 289 -16.42 22.97 -3.44
CA GLN A 289 -15.85 21.70 -2.97
C GLN A 289 -15.12 21.89 -1.63
N ARG A 290 -14.36 22.99 -1.52
CA ARG A 290 -13.57 23.25 -0.29
C ARG A 290 -14.50 23.57 0.89
N ARG A 291 -15.48 24.44 0.64
CA ARG A 291 -16.55 24.76 1.61
C ARG A 291 -17.31 23.48 2.01
N GLY A 292 -17.48 22.57 1.05
CA GLY A 292 -18.12 21.28 1.32
C GLY A 292 -17.38 20.34 2.26
N ARG A 293 -16.15 20.70 2.66
CA ARG A 293 -15.45 19.90 3.66
C ARG A 293 -16.10 20.07 5.04
N ILE A 294 -16.85 21.16 5.25
CA ILE A 294 -17.64 21.34 6.49
C ILE A 294 -19.16 21.42 6.23
N GLY A 295 -19.95 21.59 7.28
CA GLY A 295 -21.41 21.56 7.19
C GLY A 295 -21.96 20.18 6.86
N ARG A 296 -21.19 19.14 7.17
CA ARG A 296 -21.54 17.76 6.77
C ARG A 296 -22.25 16.98 7.85
N ASN A 297 -22.14 17.43 9.10
CA ASN A 297 -22.73 16.77 10.26
C ASN A 297 -23.94 17.54 10.83
N PRO A 298 -25.18 16.99 10.68
CA PRO A 298 -26.42 17.64 11.12
C PRO A 298 -26.48 17.94 12.62
N ALA A 299 -25.72 17.19 13.43
CA ALA A 299 -25.68 17.40 14.89
C ALA A 299 -24.75 18.56 15.30
N GLN A 300 -23.92 19.01 14.37
CA GLN A 300 -22.96 20.10 14.61
C GLN A 300 -23.32 21.27 13.66
N GLU A 301 -23.97 22.31 14.19
CA GLU A 301 -24.63 23.32 13.37
C GLU A 301 -23.91 24.66 13.22
N ASP A 302 -22.75 24.83 13.87
CA ASP A 302 -22.06 26.13 13.84
C ASP A 302 -20.74 26.18 13.05
N ASP A 303 -20.61 25.29 12.06
CA ASP A 303 -19.46 25.26 11.16
C ASP A 303 -19.30 26.58 10.40
N GLN A 304 -18.05 26.92 10.10
CA GLN A 304 -17.73 28.18 9.42
C GLN A 304 -16.93 27.93 8.14
N TYR A 305 -17.22 28.71 7.11
CA TYR A 305 -16.39 28.76 5.92
C TYR A 305 -15.93 30.21 5.80
N VAL A 306 -14.63 30.41 6.03
CA VAL A 306 -14.01 31.72 5.95
C VAL A 306 -13.25 31.77 4.65
N PHE A 307 -13.55 32.78 3.83
CA PHE A 307 -13.01 32.89 2.48
C PHE A 307 -12.62 34.32 2.19
N SER A 308 -11.87 34.50 1.11
CA SER A 308 -11.43 35.81 0.65
C SER A 308 -11.67 35.92 -0.84
N GLY A 309 -12.44 36.92 -1.24
CA GLY A 309 -12.59 37.23 -2.65
C GLY A 309 -13.60 36.34 -3.36
N ASP A 310 -13.98 36.76 -4.56
CA ASP A 310 -14.86 35.96 -5.40
C ASP A 310 -14.07 34.93 -6.19
N PRO A 311 -14.73 33.83 -6.60
CA PRO A 311 -14.08 32.91 -7.51
C PRO A 311 -14.09 33.46 -8.93
N LEU A 312 -13.36 32.81 -9.82
CA LEU A 312 -13.32 33.18 -11.21
C LEU A 312 -13.66 31.96 -12.07
N LYS A 313 -14.81 32.03 -12.73
CA LYS A 313 -15.35 30.93 -13.53
C LYS A 313 -14.55 30.67 -14.81
N ASN A 314 -14.23 31.74 -15.54
CA ASN A 314 -13.52 31.65 -16.80
C ASN A 314 -12.08 31.13 -16.62
N ASP A 315 -11.84 29.86 -16.98
CA ASP A 315 -10.49 29.31 -16.97
C ASP A 315 -10.03 28.86 -18.37
N GLU A 316 -10.51 29.57 -19.40
CA GLU A 316 -10.29 29.17 -20.79
C GLU A 316 -8.83 29.27 -21.20
N ASP A 317 -8.06 30.08 -20.49
CA ASP A 317 -6.60 30.22 -20.73
C ASP A 317 -5.73 29.24 -19.94
N HIS A 318 -6.36 28.39 -19.12
CA HIS A 318 -5.64 27.39 -18.36
C HIS A 318 -5.08 26.34 -19.30
N ALA A 319 -3.83 25.93 -19.07
CA ALA A 319 -3.14 24.94 -19.90
C ALA A 319 -3.82 23.58 -19.90
N HIS A 320 -4.64 23.28 -18.88
CA HIS A 320 -5.28 21.95 -18.83
C HIS A 320 -6.18 21.61 -20.02
N TRP A 321 -6.81 22.61 -20.64
CA TRP A 321 -7.70 22.36 -21.79
C TRP A 321 -6.92 21.89 -23.03
N THR A 322 -5.75 22.50 -23.25
CA THR A 322 -4.86 22.08 -24.32
C THR A 322 -4.18 20.75 -23.99
N GLU A 323 -3.67 20.63 -22.77
CA GLU A 323 -2.99 19.40 -22.36
C GLU A 323 -3.91 18.18 -22.38
N ALA A 324 -5.20 18.35 -22.05
CA ALA A 324 -6.19 17.29 -22.13
C ALA A 324 -6.32 16.73 -23.55
N LYS A 325 -6.35 17.63 -24.55
CA LYS A 325 -6.38 17.28 -25.97
C LYS A 325 -5.09 16.62 -26.45
N MET A 326 -3.95 17.12 -25.96
CA MET A 326 -2.67 16.47 -26.24
C MET A 326 -2.68 14.99 -25.80
N LEU A 327 -3.26 14.74 -24.64
CA LEU A 327 -3.42 13.36 -24.15
C LEU A 327 -4.42 12.57 -24.97
N LEU A 328 -5.62 13.13 -25.16
CA LEU A 328 -6.72 12.40 -25.81
C LEU A 328 -6.49 12.10 -27.31
N ASP A 329 -5.77 13.00 -27.99
CA ASP A 329 -5.38 12.78 -29.40
C ASP A 329 -4.46 11.56 -29.59
N ASN A 330 -3.98 11.00 -28.49
CA ASN A 330 -3.06 9.86 -28.50
C ASN A 330 -3.62 8.61 -27.78
N ILE A 331 -4.93 8.64 -27.53
CA ILE A 331 -5.64 7.56 -26.88
C ILE A 331 -6.59 6.94 -27.91
N TYR A 332 -6.67 5.61 -27.91
CA TYR A 332 -7.56 4.93 -28.83
C TYR A 332 -8.46 3.90 -28.11
N THR A 333 -9.54 3.55 -28.79
CA THR A 333 -10.39 2.44 -28.39
C THR A 333 -9.92 1.19 -29.14
N PRO A 334 -10.32 -0.04 -28.69
CA PRO A 334 -9.86 -1.25 -29.38
C PRO A 334 -10.35 -1.29 -30.81
N GLU A 335 -11.44 -0.57 -31.07
CA GLU A 335 -12.02 -0.46 -32.40
C GLU A 335 -11.20 0.47 -33.29
N GLY A 336 -10.23 1.16 -32.70
CA GLY A 336 -9.34 2.02 -33.47
C GLY A 336 -9.58 3.50 -33.35
N ILE A 337 -10.78 3.85 -32.87
CA ILE A 337 -11.23 5.25 -32.78
C ILE A 337 -10.47 6.07 -31.73
N ILE A 338 -10.16 7.31 -32.10
CA ILE A 338 -9.68 8.33 -31.19
C ILE A 338 -10.90 8.97 -30.54
N PRO A 339 -10.97 8.98 -29.21
CA PRO A 339 -12.08 9.63 -28.55
C PRO A 339 -12.17 11.15 -28.74
N THR A 340 -13.39 11.64 -28.60
CA THR A 340 -13.69 13.07 -28.57
C THR A 340 -13.94 13.52 -27.12
N LEU A 341 -13.72 14.80 -26.84
CA LEU A 341 -13.94 15.35 -25.50
C LEU A 341 -15.39 15.20 -25.06
N PHE A 342 -15.60 14.98 -23.75
CA PHE A 342 -16.96 15.00 -23.16
C PHE A 342 -17.65 16.31 -23.58
N GLY A 343 -18.90 16.19 -24.02
CA GLY A 343 -19.72 17.30 -24.57
C GLY A 343 -19.48 18.71 -24.04
N PRO A 344 -19.81 18.95 -22.76
CA PRO A 344 -19.61 20.25 -22.12
C PRO A 344 -18.19 20.78 -22.08
N GLU A 345 -17.21 19.95 -22.42
CA GLU A 345 -15.80 20.35 -22.34
C GLU A 345 -15.16 20.61 -23.70
N ARG A 346 -15.99 20.56 -24.73
CA ARG A 346 -15.59 20.85 -26.12
C ARG A 346 -15.49 22.36 -26.34
N GLU A 347 -14.51 22.79 -27.14
CA GLU A 347 -14.38 24.22 -27.51
C GLU A 347 -14.11 25.13 -26.30
N LYS A 348 -13.34 24.62 -25.35
CA LYS A 348 -12.89 25.42 -24.23
C LYS A 348 -11.71 26.24 -24.74
N THR A 349 -10.99 25.65 -25.69
CA THR A 349 -10.09 26.38 -26.58
C THR A 349 -10.37 25.90 -28.02
N GLN A 350 -9.91 26.67 -29.00
CA GLN A 350 -10.11 26.34 -30.41
C GLN A 350 -9.07 25.29 -30.79
N ALA A 351 -9.53 24.07 -31.07
CA ALA A 351 -8.61 22.94 -31.00
C ALA A 351 -8.65 21.99 -32.18
N ILE A 352 -8.25 22.46 -33.36
CA ILE A 352 -8.19 21.63 -34.57
C ILE A 352 -8.13 20.14 -34.22
N ASP A 353 -9.16 19.41 -34.63
CA ASP A 353 -9.27 17.96 -34.38
C ASP A 353 -8.02 17.18 -34.82
N GLY A 354 -7.49 16.34 -33.93
CA GLY A 354 -6.36 15.47 -34.25
C GLY A 354 -5.02 16.14 -34.41
N GLU A 355 -4.95 17.43 -34.08
CA GLU A 355 -3.72 18.18 -34.29
C GLU A 355 -2.59 17.79 -33.34
N PHE A 356 -2.91 17.08 -32.25
CA PHE A 356 -1.88 16.58 -31.33
C PHE A 356 -1.51 15.09 -31.48
N ARG A 357 -2.02 14.46 -32.53
CA ARG A 357 -1.78 13.04 -32.77
C ARG A 357 -0.30 12.75 -33.09
N LEU A 358 0.33 11.92 -32.27
CA LEU A 358 1.73 11.53 -32.50
C LEU A 358 1.82 10.14 -33.11
N ARG A 359 2.90 9.90 -33.85
CA ARG A 359 3.10 8.68 -34.62
C ARG A 359 4.26 7.81 -34.07
N GLY A 360 4.05 6.50 -33.97
CA GLY A 360 5.12 5.54 -33.67
C GLY A 360 5.89 5.76 -32.37
N GLU A 361 7.21 5.94 -32.51
CA GLU A 361 8.11 6.15 -31.38
C GLU A 361 7.87 7.47 -30.67
N GLN A 362 7.24 8.42 -31.36
CA GLN A 362 6.94 9.74 -30.78
C GLN A 362 5.91 9.64 -29.67
N ARG A 363 4.88 8.81 -29.87
CA ARG A 363 3.85 8.57 -28.86
C ARG A 363 4.43 7.90 -27.60
N LYS A 364 5.25 6.87 -27.81
CA LYS A 364 5.98 6.19 -26.73
C LYS A 364 6.87 7.16 -25.95
N THR A 365 7.61 7.99 -26.68
CA THR A 365 8.48 9.01 -26.09
C THR A 365 7.69 10.01 -25.26
N PHE A 366 6.55 10.44 -25.80
CA PHE A 366 5.63 11.36 -25.14
C PHE A 366 5.30 10.83 -23.74
N VAL A 367 4.89 9.57 -23.71
CA VAL A 367 4.47 8.90 -22.48
C VAL A 367 5.66 8.77 -21.51
N GLU A 368 6.80 8.37 -22.05
CA GLU A 368 8.04 8.26 -21.27
C GLU A 368 8.43 9.58 -20.59
N LEU A 369 8.38 10.67 -21.35
CA LEU A 369 8.76 12.00 -20.83
C LEU A 369 7.90 12.43 -19.65
N MET A 370 6.63 12.03 -19.68
CA MET A 370 5.67 12.33 -18.61
C MET A 370 5.88 11.45 -17.37
N ARG A 371 5.90 10.13 -17.57
CA ARG A 371 5.93 9.21 -16.44
C ARG A 371 7.31 8.82 -15.89
N ARG A 372 8.34 8.80 -16.75
CA ARG A 372 9.73 8.64 -16.29
C ARG A 372 10.42 9.98 -16.08
N GLY A 373 10.25 10.90 -17.02
CA GLY A 373 10.90 12.21 -16.97
C GLY A 373 10.27 13.17 -15.98
N ASP A 374 9.03 12.90 -15.56
CA ASP A 374 8.28 13.80 -14.66
C ASP A 374 8.02 15.19 -15.28
N LEU A 375 7.94 15.26 -16.60
CA LEU A 375 7.74 16.52 -17.29
C LEU A 375 6.25 16.78 -17.55
N PRO A 376 5.85 18.07 -17.55
CA PRO A 376 4.46 18.42 -17.87
C PRO A 376 4.03 17.92 -19.23
N VAL A 377 2.71 17.82 -19.43
CA VAL A 377 2.15 17.37 -20.71
C VAL A 377 2.60 18.25 -21.89
N TRP A 378 2.51 19.57 -21.75
CA TRP A 378 2.84 20.46 -22.87
C TRP A 378 4.32 20.29 -23.27
N LEU A 379 5.21 20.26 -22.29
CA LEU A 379 6.64 20.17 -22.57
C LEU A 379 6.97 18.80 -23.18
N SER A 380 6.34 17.76 -22.66
CA SER A 380 6.52 16.39 -23.17
C SER A 380 6.10 16.31 -24.62
N TYR A 381 4.95 16.92 -24.93
CA TYR A 381 4.44 16.95 -26.27
C TYR A 381 5.41 17.66 -27.22
N LYS A 382 5.86 18.85 -26.82
CA LYS A 382 6.82 19.63 -27.63
C LYS A 382 8.10 18.83 -27.94
N VAL A 383 8.68 18.16 -26.95
CA VAL A 383 9.91 17.39 -27.16
C VAL A 383 9.63 16.18 -28.07
N ALA A 384 8.59 15.41 -27.73
CA ALA A 384 8.24 14.21 -28.51
C ALA A 384 7.87 14.53 -29.97
N SER A 385 7.11 15.61 -30.18
CA SER A 385 6.66 15.97 -31.52
C SER A 385 7.81 16.47 -32.42
N ALA A 386 8.93 16.83 -31.79
CA ALA A 386 10.14 17.23 -32.51
C ALA A 386 10.95 16.02 -32.97
N GLY A 387 10.48 14.82 -32.60
CA GLY A 387 11.14 13.58 -33.01
C GLY A 387 12.37 13.27 -32.16
N ILE A 388 12.42 13.86 -30.97
CA ILE A 388 13.50 13.64 -30.01
C ILE A 388 13.21 12.37 -29.17
N SER A 389 14.21 11.51 -29.00
CA SER A 389 14.06 10.32 -28.13
C SER A 389 14.26 10.65 -26.65
N TYR A 390 13.68 9.82 -25.77
CA TYR A 390 13.61 10.11 -24.33
C TYR A 390 14.98 10.43 -23.73
N LYS A 391 15.98 9.62 -24.05
CA LYS A 391 17.30 9.77 -23.43
C LYS A 391 18.20 10.84 -24.10
N ASP A 392 17.71 11.46 -25.17
CA ASP A 392 18.43 12.53 -25.87
C ASP A 392 18.11 13.91 -25.26
N ARG A 393 19.04 14.40 -24.45
CA ARG A 393 18.82 15.59 -23.63
C ARG A 393 19.36 16.87 -24.26
N GLU A 394 19.80 16.79 -25.53
CA GLU A 394 20.36 17.93 -26.26
C GLU A 394 19.48 19.19 -26.22
N TRP A 395 18.17 19.00 -26.31
CA TRP A 395 17.21 20.10 -26.31
C TRP A 395 17.23 20.97 -25.03
N CYS A 396 17.73 20.41 -23.93
CA CYS A 396 17.89 21.13 -22.66
C CYS A 396 18.96 22.25 -22.71
N PHE A 397 19.75 22.27 -23.79
CA PHE A 397 20.90 23.17 -23.91
C PHE A 397 20.91 24.08 -25.15
N THR A 398 19.99 23.86 -26.09
CA THR A 398 20.08 24.47 -27.41
C THR A 398 19.11 25.63 -27.65
N GLY A 399 18.41 26.05 -26.62
CA GLY A 399 17.46 27.16 -26.73
C GLY A 399 18.11 28.49 -27.05
N GLU A 400 17.31 29.44 -27.50
CA GLU A 400 17.77 30.80 -27.72
C GLU A 400 18.27 31.42 -26.40
N ARG A 401 18.99 32.54 -26.54
CA ARG A 401 19.56 33.29 -25.41
C ARG A 401 18.61 33.51 -24.24
N ASN A 402 17.41 33.98 -24.56
CA ASN A 402 16.36 34.25 -23.59
C ASN A 402 15.86 33.06 -22.78
N ASN A 403 16.16 31.84 -23.25
CA ASN A 403 15.75 30.60 -22.54
C ASN A 403 16.73 30.10 -21.48
N GLN A 404 17.80 30.85 -21.27
CA GLN A 404 18.73 30.57 -20.17
C GLN A 404 18.02 30.60 -18.82
N ILE A 405 18.16 29.52 -18.06
CA ILE A 405 17.57 29.40 -16.74
C ILE A 405 18.48 30.08 -15.72
N LEU A 406 17.85 30.87 -14.84
CA LEU A 406 18.53 31.53 -13.75
C LEU A 406 18.02 31.03 -12.42
N GLU A 407 18.95 30.80 -11.51
CA GLU A 407 18.61 30.43 -10.14
C GLU A 407 19.47 31.29 -9.23
N GLU A 408 18.80 31.99 -8.33
CA GLU A 408 19.45 33.00 -7.49
C GLU A 408 20.26 34.01 -8.33
N ASN A 409 19.66 34.40 -9.45
CA ASN A 409 20.24 35.38 -10.39
C ASN A 409 21.56 34.94 -11.06
N MET A 410 21.82 33.64 -11.05
CA MET A 410 23.03 33.09 -11.67
C MET A 410 22.60 32.08 -12.74
N GLU A 411 23.34 32.07 -13.85
CA GLU A 411 23.05 31.13 -14.93
C GLU A 411 23.30 29.70 -14.45
N VAL A 412 22.27 28.87 -14.54
CA VAL A 412 22.34 27.46 -14.16
C VAL A 412 23.26 26.67 -15.11
N GLU A 413 24.20 25.94 -14.52
CA GLU A 413 25.11 25.05 -15.25
C GLU A 413 24.77 23.62 -14.92
N ILE A 414 24.91 22.75 -15.91
CA ILE A 414 24.63 21.30 -15.78
C ILE A 414 25.91 20.51 -16.07
N TRP A 415 26.24 19.56 -15.21
CA TRP A 415 27.30 18.61 -15.49
C TRP A 415 26.64 17.33 -15.98
N THR A 416 26.89 16.98 -17.25
CA THR A 416 26.14 15.89 -17.88
C THR A 416 26.69 14.54 -17.43
N ARG A 417 25.93 13.48 -17.74
CA ARG A 417 26.37 12.10 -17.54
C ARG A 417 27.75 11.84 -18.14
N GLU A 418 28.01 12.41 -19.33
CA GLU A 418 29.30 12.25 -20.01
C GLU A 418 30.36 13.23 -19.50
N GLY A 419 29.96 14.11 -18.58
CA GLY A 419 30.90 15.02 -17.94
C GLY A 419 31.18 16.32 -18.68
N GLU A 420 30.24 16.74 -19.52
CA GLU A 420 30.34 18.04 -20.15
C GLU A 420 29.72 19.02 -19.16
N LYS A 421 30.17 20.25 -19.17
CA LYS A 421 29.51 21.30 -18.41
C LYS A 421 28.77 22.23 -19.38
N LYS A 422 27.45 22.34 -19.22
CA LYS A 422 26.60 23.07 -20.16
C LYS A 422 25.60 23.96 -19.44
N LYS A 423 25.35 25.15 -19.99
CA LYS A 423 24.37 26.08 -19.45
C LYS A 423 22.96 25.55 -19.74
N LEU A 424 22.12 25.52 -18.71
CA LEU A 424 20.75 25.05 -18.87
C LEU A 424 19.92 26.08 -19.63
N ARG A 425 19.56 25.74 -20.87
CA ARG A 425 18.97 26.67 -21.79
C ARG A 425 18.04 25.86 -22.71
N PRO A 426 16.87 25.46 -22.19
CA PRO A 426 15.96 24.58 -22.93
C PRO A 426 15.37 25.22 -24.18
N LYS A 427 15.19 24.41 -25.24
CA LYS A 427 14.54 24.87 -26.45
C LYS A 427 13.10 25.34 -26.18
N TRP A 428 12.42 24.63 -25.30
CA TRP A 428 11.04 24.98 -24.89
C TRP A 428 10.99 25.34 -23.41
N LEU A 429 10.31 26.45 -23.09
CA LEU A 429 10.20 26.91 -21.71
C LEU A 429 8.84 26.59 -21.10
N ASP A 430 8.88 25.83 -20.01
CA ASP A 430 7.71 25.52 -19.22
C ASP A 430 8.07 25.86 -17.78
N ALA A 431 7.47 26.92 -17.26
CA ALA A 431 7.75 27.45 -15.91
C ALA A 431 7.59 26.40 -14.81
N ARG A 432 6.75 25.40 -15.08
CA ARG A 432 6.54 24.32 -14.14
C ARG A 432 7.78 23.50 -13.81
N VAL A 433 8.75 23.42 -14.73
CA VAL A 433 10.00 22.72 -14.44
C VAL A 433 11.11 23.59 -13.85
N TYR A 434 10.91 24.90 -13.75
CA TYR A 434 11.97 25.75 -13.20
C TYR A 434 11.60 26.76 -12.12
N ALA A 435 10.32 27.04 -11.93
CA ALA A 435 9.86 28.08 -10.98
C ALA A 435 10.14 27.74 -9.52
N ASP A 436 9.61 26.62 -9.06
CA ASP A 436 9.88 26.14 -7.71
C ASP A 436 11.28 25.52 -7.69
N PRO A 437 12.12 25.89 -6.70
CA PRO A 437 13.49 25.37 -6.68
C PRO A 437 13.56 23.83 -6.60
N MET A 438 12.54 23.19 -6.02
CA MET A 438 12.48 21.72 -5.99
C MET A 438 12.16 21.14 -7.37
N ALA A 439 11.25 21.77 -8.11
CA ALA A 439 11.03 21.38 -9.49
C ALA A 439 12.30 21.61 -10.33
N LEU A 440 12.99 22.73 -10.12
CA LEU A 440 14.25 22.96 -10.82
C LEU A 440 15.32 21.89 -10.51
N LYS A 441 15.44 21.51 -9.24
CA LYS A 441 16.35 20.44 -8.86
C LYS A 441 16.07 19.18 -9.67
N ASP A 442 14.81 18.79 -9.74
CA ASP A 442 14.39 17.62 -10.53
C ASP A 442 14.69 17.79 -12.00
N PHE A 443 14.37 18.95 -12.56
CA PHE A 443 14.68 19.24 -13.96
C PHE A 443 16.16 19.25 -14.28
N LYS A 444 16.99 19.72 -13.35
CA LYS A 444 18.45 19.62 -13.50
C LYS A 444 18.93 18.17 -13.58
N GLU A 445 18.31 17.30 -12.77
CA GLU A 445 18.59 15.85 -12.79
C GLU A 445 18.31 15.28 -14.17
N PHE A 446 17.18 15.67 -14.73
CA PHE A 446 16.76 15.26 -16.07
C PHE A 446 17.74 15.75 -17.14
N ALA A 447 18.06 17.04 -17.11
CA ALA A 447 19.01 17.63 -18.07
C ALA A 447 20.39 16.94 -18.05
N SER A 448 20.81 16.52 -16.87
CA SER A 448 22.05 15.77 -16.61
C SER A 448 22.07 14.37 -17.20
N GLY A 449 20.89 13.79 -17.43
CA GLY A 449 20.79 12.40 -17.89
C GLY A 449 20.71 11.41 -16.74
N ARG A 450 20.36 11.90 -15.55
CA ARG A 450 20.22 11.04 -14.37
C ARG A 450 18.77 10.61 -14.09
N LYS A 451 17.89 10.90 -15.05
CA LYS A 451 16.48 10.44 -15.04
C LYS A 451 16.13 9.81 -16.38
N GLY B 1 28.30 7.08 20.38
CA GLY B 1 27.26 6.84 21.43
C GLY B 1 25.92 7.40 21.03
N SER B 2 24.88 7.13 21.81
CA SER B 2 23.55 7.73 21.61
C SER B 2 22.80 7.91 22.92
N ALA B 3 21.70 8.66 22.86
CA ALA B 3 20.77 8.72 23.98
C ALA B 3 19.82 7.53 23.82
N MET B 4 19.00 7.26 24.85
CA MET B 4 18.20 6.02 24.90
C MET B 4 17.46 5.69 23.62
N GLY B 5 16.68 6.65 23.12
CA GLY B 5 15.76 6.38 22.03
C GLY B 5 16.25 6.77 20.65
N GLU B 6 17.47 7.26 20.55
CA GLU B 6 17.98 7.73 19.28
C GLU B 6 19.05 6.79 18.71
N PRO B 7 19.21 6.74 17.39
CA PRO B 7 20.20 5.81 16.89
C PRO B 7 21.62 6.30 17.16
N ASP B 8 22.55 5.36 17.30
CA ASP B 8 23.97 5.65 17.54
C ASP B 8 24.59 6.29 16.31
N TYR B 9 25.36 7.34 16.53
CA TYR B 9 26.10 7.98 15.46
C TYR B 9 27.29 7.13 15.00
N GLU B 10 27.76 6.25 15.89
CA GLU B 10 28.91 5.38 15.61
C GLU B 10 28.41 3.98 15.30
N VAL B 11 28.83 3.46 14.14
CA VAL B 11 28.56 2.07 13.78
C VAL B 11 29.90 1.36 13.49
N ASP B 12 30.07 0.14 14.02
CA ASP B 12 31.30 -0.65 13.75
C ASP B 12 31.46 -0.89 12.24
N GLU B 13 32.61 -0.52 11.69
CA GLU B 13 32.90 -0.73 10.26
C GLU B 13 33.00 -2.23 9.88
N ASP B 14 33.33 -3.03 10.89
CA ASP B 14 33.46 -4.46 10.83
C ASP B 14 32.27 -5.17 10.16
N ILE B 15 31.07 -4.76 10.52
CA ILE B 15 29.84 -5.46 10.08
C ILE B 15 29.58 -5.35 8.58
N PHE B 16 30.24 -4.41 7.91
CA PHE B 16 30.02 -4.18 6.47
C PHE B 16 31.02 -4.94 5.57
N ARG B 17 31.99 -5.62 6.19
CA ARG B 17 32.98 -6.37 5.42
C ARG B 17 32.38 -7.59 4.77
N LYS B 18 32.55 -7.69 3.46
CA LYS B 18 32.14 -8.90 2.76
C LYS B 18 32.83 -10.09 3.41
N LYS B 19 32.09 -11.20 3.49
CA LYS B 19 32.55 -12.41 4.18
C LYS B 19 32.26 -12.40 5.68
N ARG B 20 31.77 -11.27 6.20
CA ARG B 20 31.34 -11.22 7.61
C ARG B 20 29.82 -11.39 7.79
N LEU B 21 29.45 -12.38 8.59
CA LEU B 21 28.08 -12.56 9.06
C LEU B 21 28.07 -12.22 10.55
N THR B 22 27.35 -11.17 10.90
CA THR B 22 27.24 -10.73 12.29
C THR B 22 25.93 -11.21 12.91
N ILE B 23 26.03 -11.92 14.02
CA ILE B 23 24.86 -12.36 14.77
C ILE B 23 24.68 -11.42 15.95
N MET B 24 23.62 -10.62 15.91
CA MET B 24 23.28 -9.69 16.99
C MET B 24 22.19 -10.23 17.90
N ASP B 25 22.61 -10.73 19.05
CA ASP B 25 21.69 -11.22 20.09
C ASP B 25 21.49 -10.11 21.12
N LEU B 26 20.28 -9.54 21.11
CA LEU B 26 19.84 -8.51 22.08
C LEU B 26 18.60 -9.03 22.80
N HIS B 27 18.24 -8.46 23.95
CA HIS B 27 17.00 -8.90 24.61
C HIS B 27 15.75 -8.21 24.03
N PRO B 28 14.55 -8.84 24.15
CA PRO B 28 13.37 -8.17 23.58
C PRO B 28 13.22 -6.72 24.06
N GLY B 29 12.99 -5.80 23.13
CA GLY B 29 12.78 -4.37 23.42
C GLY B 29 14.02 -3.52 23.72
N ALA B 30 15.20 -4.00 23.34
CA ALA B 30 16.46 -3.27 23.56
C ALA B 30 16.79 -2.23 22.45
N GLY B 31 15.79 -1.86 21.66
CA GLY B 31 15.95 -0.86 20.59
C GLY B 31 16.55 -1.39 19.29
N LYS B 32 16.39 -2.70 19.06
CA LYS B 32 16.80 -3.34 17.79
C LYS B 32 16.29 -2.64 16.54
N THR B 33 15.01 -2.26 16.54
CA THR B 33 14.42 -1.62 15.37
C THR B 33 14.41 -0.10 15.48
N LYS B 34 14.19 0.41 16.69
CA LYS B 34 14.10 1.84 16.93
C LYS B 34 15.44 2.56 16.77
N ARG B 35 16.52 1.86 17.14
CA ARG B 35 17.86 2.46 17.20
C ARG B 35 18.86 1.78 16.29
N ILE B 36 19.00 0.46 16.45
CA ILE B 36 20.08 -0.28 15.80
C ILE B 36 19.91 -0.34 14.29
N LEU B 37 18.73 -0.75 13.84
CA LEU B 37 18.45 -0.79 12.41
C LEU B 37 18.68 0.56 11.67
N PRO B 38 18.11 1.68 12.19
CA PRO B 38 18.38 2.95 11.49
C PRO B 38 19.87 3.33 11.46
N SER B 39 20.61 3.00 12.52
CA SER B 39 22.06 3.29 12.56
C SER B 39 22.78 2.54 11.45
N ILE B 40 22.48 1.25 11.34
CA ILE B 40 23.04 0.41 10.29
C ILE B 40 22.70 0.95 8.89
N VAL B 41 21.43 1.26 8.66
CA VAL B 41 20.95 1.71 7.33
C VAL B 41 21.57 3.03 6.92
N ARG B 42 21.68 3.97 7.86
CA ARG B 42 22.33 5.26 7.61
C ARG B 42 23.77 5.07 7.16
N GLU B 43 24.50 4.19 7.85
CA GLU B 43 25.91 3.92 7.52
C GLU B 43 26.06 3.15 6.20
N ALA B 44 25.13 2.23 5.93
CA ALA B 44 25.07 1.53 4.64
C ALA B 44 24.92 2.53 3.47
N LEU B 45 24.04 3.51 3.67
CA LEU B 45 23.84 4.57 2.68
C LEU B 45 25.11 5.39 2.43
N LYS B 46 25.81 5.77 3.51
CA LYS B 46 27.07 6.52 3.39
C LYS B 46 28.15 5.68 2.69
N ARG B 47 28.07 4.36 2.83
CA ARG B 47 29.00 3.45 2.19
C ARG B 47 28.53 2.99 0.79
N ARG B 48 27.37 3.49 0.38
CA ARG B 48 26.76 3.19 -0.94
C ARG B 48 26.58 1.71 -1.20
N LEU B 49 26.20 0.97 -0.17
CA LEU B 49 25.99 -0.46 -0.28
C LEU B 49 24.57 -0.74 -0.76
N ARG B 50 24.45 -1.67 -1.70
CA ARG B 50 23.17 -2.15 -2.16
C ARG B 50 22.63 -3.02 -1.03
N THR B 51 21.62 -2.51 -0.32
CA THR B 51 21.19 -3.07 0.96
C THR B 51 19.78 -3.66 0.90
N LEU B 52 19.62 -4.80 1.55
CA LEU B 52 18.32 -5.44 1.69
C LEU B 52 17.96 -5.60 3.18
N ILE B 53 16.76 -5.17 3.55
CA ILE B 53 16.24 -5.34 4.92
C ILE B 53 15.06 -6.32 4.92
N LEU B 54 15.09 -7.32 5.81
CA LEU B 54 14.09 -8.38 5.84
C LEU B 54 13.36 -8.47 7.19
N ALA B 55 12.03 -8.33 7.10
CA ALA B 55 11.10 -8.43 8.23
C ALA B 55 10.31 -9.75 8.13
N PRO B 56 10.10 -10.44 9.25
CA PRO B 56 9.38 -11.73 9.17
C PRO B 56 7.86 -11.59 8.81
N THR B 57 7.25 -10.51 9.25
CA THR B 57 5.81 -10.29 9.13
C THR B 57 5.59 -8.82 8.78
N ARG B 58 4.36 -8.48 8.43
CA ARG B 58 4.03 -7.10 8.12
C ARG B 58 3.99 -6.22 9.36
N VAL B 59 3.77 -6.86 10.53
CA VAL B 59 3.86 -6.19 11.84
C VAL B 59 5.26 -5.61 12.06
N VAL B 60 6.28 -6.44 11.90
CA VAL B 60 7.67 -5.98 11.98
C VAL B 60 7.99 -4.94 10.90
N ALA B 61 7.50 -5.14 9.68
CA ALA B 61 7.74 -4.18 8.58
C ALA B 61 7.17 -2.79 8.90
N ALA B 62 5.97 -2.76 9.47
CA ALA B 62 5.32 -1.52 9.86
C ALA B 62 6.09 -0.84 10.98
N GLU B 63 6.59 -1.63 11.93
CA GLU B 63 7.43 -1.08 13.01
C GLU B 63 8.76 -0.54 12.47
N MET B 64 9.33 -1.21 11.47
CA MET B 64 10.58 -0.77 10.85
C MET B 64 10.41 0.57 10.11
N GLU B 65 9.32 0.73 9.35
CA GLU B 65 9.09 1.98 8.64
C GLU B 65 8.99 3.17 9.59
N GLU B 66 8.36 2.97 10.75
CA GLU B 66 8.28 4.02 11.77
C GLU B 66 9.67 4.52 12.19
N ALA B 67 10.60 3.59 12.37
CA ALA B 67 11.97 3.93 12.77
C ALA B 67 12.80 4.48 11.61
N LEU B 68 12.50 4.04 10.40
CA LEU B 68 13.30 4.38 9.23
C LEU B 68 12.71 5.51 8.40
N ARG B 69 11.61 6.09 8.88
CA ARG B 69 10.87 7.11 8.13
C ARG B 69 11.76 8.31 7.80
N GLY B 70 11.79 8.67 6.52
CA GLY B 70 12.60 9.78 6.03
C GLY B 70 13.79 9.32 5.22
N LEU B 71 14.28 8.12 5.50
CA LEU B 71 15.36 7.54 4.73
C LEU B 71 14.86 7.05 3.35
N PRO B 72 15.75 7.08 2.32
CA PRO B 72 15.39 6.64 0.98
C PRO B 72 15.34 5.10 0.86
N ILE B 73 14.18 4.54 1.22
CA ILE B 73 14.00 3.08 1.21
C ILE B 73 12.86 2.66 0.29
N ARG B 74 13.14 1.68 -0.56
CA ARG B 74 12.10 1.06 -1.38
C ARG B 74 11.36 -0.03 -0.58
N TYR B 75 10.13 0.26 -0.22
CA TYR B 75 9.32 -0.72 0.50
C TYR B 75 8.65 -1.67 -0.48
N GLN B 76 8.90 -2.96 -0.31
CA GLN B 76 8.29 -3.98 -1.17
C GLN B 76 7.38 -4.89 -0.36
N THR B 77 6.42 -4.23 0.31
CA THR B 77 5.40 -4.88 1.13
C THR B 77 4.10 -4.06 1.11
N PRO B 78 2.94 -4.71 0.93
CA PRO B 78 1.66 -3.99 0.97
C PRO B 78 1.40 -3.32 2.34
N ALA B 79 2.20 -3.70 3.33
CA ALA B 79 2.13 -3.15 4.68
C ALA B 79 2.58 -1.69 4.76
N VAL B 80 3.41 -1.26 3.82
CA VAL B 80 3.93 0.11 3.81
C VAL B 80 3.77 0.73 2.42
N LYS B 81 3.29 1.96 2.41
CA LYS B 81 3.27 2.80 1.21
C LYS B 81 4.11 4.04 1.49
N SER B 82 4.99 4.37 0.54
CA SER B 82 5.78 5.61 0.58
C SER B 82 6.19 6.05 -0.83
N ASP B 83 6.74 7.26 -0.94
CA ASP B 83 7.16 7.80 -2.24
C ASP B 83 8.49 7.19 -2.70
N HIS B 84 8.42 6.25 -3.63
CA HIS B 84 9.61 5.61 -4.17
C HIS B 84 9.90 6.03 -5.61
N THR B 85 11.12 6.50 -5.84
CA THR B 85 11.65 6.72 -7.19
C THR B 85 12.76 5.71 -7.41
N GLY B 86 12.49 4.69 -8.23
CA GLY B 86 13.33 3.50 -8.40
C GLY B 86 14.85 3.61 -8.47
N ARG B 87 15.40 4.62 -7.80
CA ARG B 87 16.85 4.80 -7.68
C ARG B 87 17.35 4.52 -6.26
N GLU B 88 16.46 4.07 -5.38
CA GLU B 88 16.82 3.64 -4.02
C GLU B 88 17.83 2.50 -4.06
N ILE B 89 18.77 2.49 -3.13
CA ILE B 89 19.73 1.40 -3.02
C ILE B 89 19.41 0.48 -1.83
N VAL B 90 18.40 0.85 -1.04
CA VAL B 90 17.96 0.08 0.12
C VAL B 90 16.55 -0.43 -0.13
N ASP B 91 16.36 -1.75 -0.04
CA ASP B 91 15.06 -2.38 -0.25
C ASP B 91 14.62 -3.03 1.05
N LEU B 92 13.31 -3.03 1.31
CA LEU B 92 12.74 -3.65 2.50
C LEU B 92 11.53 -4.50 2.13
N MET B 93 11.57 -5.77 2.52
CA MET B 93 10.49 -6.71 2.27
C MET B 93 10.43 -7.78 3.37
N CYS B 94 9.38 -8.59 3.34
CA CYS B 94 9.29 -9.72 4.26
C CYS B 94 10.20 -10.88 3.83
N HIS B 95 10.57 -11.71 4.80
CA HIS B 95 11.45 -12.86 4.57
C HIS B 95 10.95 -13.69 3.39
N ALA B 96 9.67 -14.06 3.43
CA ALA B 96 9.08 -14.94 2.42
C ALA B 96 9.00 -14.31 1.02
N THR B 97 8.87 -12.98 0.97
CA THR B 97 8.84 -12.26 -0.30
C THR B 97 10.20 -12.40 -0.98
N PHE B 98 11.27 -12.36 -0.19
CA PHE B 98 12.62 -12.50 -0.76
C PHE B 98 12.83 -13.87 -1.37
N THR B 99 12.46 -14.91 -0.63
CA THR B 99 12.60 -16.29 -1.07
C THR B 99 11.77 -16.55 -2.33
N THR B 100 10.56 -15.97 -2.35
CA THR B 100 9.70 -15.97 -3.53
C THR B 100 10.39 -15.37 -4.76
N ARG B 101 11.04 -14.22 -4.58
CA ARG B 101 11.75 -13.57 -5.67
C ARG B 101 12.96 -14.37 -6.17
N LEU B 102 13.67 -15.01 -5.23
CA LEU B 102 14.77 -15.91 -5.56
C LEU B 102 14.31 -17.11 -6.39
N LEU B 103 13.14 -17.63 -6.06
CA LEU B 103 12.57 -18.78 -6.77
C LEU B 103 11.96 -18.46 -8.13
N SER B 104 11.48 -17.22 -8.30
CA SER B 104 10.70 -16.86 -9.48
C SER B 104 11.56 -16.11 -10.48
N SER B 105 12.44 -15.25 -9.95
CA SER B 105 13.52 -14.61 -10.68
C SER B 105 13.15 -13.71 -11.87
N THR B 106 12.92 -12.44 -11.55
CA THR B 106 13.23 -11.36 -12.49
C THR B 106 14.60 -10.88 -11.97
N ARG B 107 15.35 -11.87 -11.47
CA ARG B 107 16.62 -11.71 -10.75
C ARG B 107 16.58 -10.63 -9.67
N VAL B 108 17.11 -10.97 -8.51
CA VAL B 108 17.19 -10.02 -7.43
C VAL B 108 18.37 -9.08 -7.71
N PRO B 109 18.33 -7.86 -7.16
CA PRO B 109 19.55 -7.06 -7.14
C PRO B 109 20.67 -7.82 -6.42
N ASN B 110 21.90 -7.49 -6.77
CA ASN B 110 23.06 -8.08 -6.15
C ASN B 110 23.42 -7.35 -4.86
N TYR B 111 22.72 -7.70 -3.78
CA TYR B 111 22.90 -7.06 -2.49
C TYR B 111 24.26 -7.43 -1.90
N ASN B 112 25.02 -6.43 -1.50
CA ASN B 112 26.26 -6.67 -0.75
C ASN B 112 26.15 -6.39 0.76
N LEU B 113 24.99 -5.89 1.19
CA LEU B 113 24.60 -5.93 2.63
C LEU B 113 23.18 -6.44 2.80
N ILE B 114 23.03 -7.47 3.63
CA ILE B 114 21.72 -8.04 3.92
C ILE B 114 21.45 -8.06 5.45
N VAL B 115 20.39 -7.39 5.87
CA VAL B 115 20.00 -7.32 7.27
C VAL B 115 18.72 -8.14 7.47
N MET B 116 18.83 -9.25 8.18
CA MET B 116 17.63 -10.03 8.48
C MET B 116 17.23 -9.83 9.93
N ASP B 117 16.07 -9.21 10.14
CA ASP B 117 15.55 -9.06 11.49
C ASP B 117 14.75 -10.31 11.85
N GLU B 118 14.72 -10.63 13.15
CA GLU B 118 14.06 -11.83 13.66
C GLU B 118 14.59 -13.07 12.93
N ALA B 119 15.92 -13.20 12.93
CA ALA B 119 16.63 -14.22 12.17
C ALA B 119 16.49 -15.65 12.74
N HIS B 120 15.66 -15.81 13.78
CA HIS B 120 15.34 -17.13 14.33
C HIS B 120 14.03 -17.71 13.75
N PHE B 121 13.28 -16.89 13.01
CA PHE B 121 11.96 -17.27 12.45
C PHE B 121 12.09 -18.55 11.61
N THR B 122 11.37 -19.60 11.96
CA THR B 122 11.56 -20.92 11.35
C THR B 122 10.54 -21.27 10.24
N ASP B 123 9.76 -20.29 9.79
CA ASP B 123 9.00 -20.45 8.56
C ASP B 123 9.95 -20.98 7.48
N PRO B 124 9.53 -21.98 6.67
CA PRO B 124 10.51 -22.56 5.74
C PRO B 124 11.13 -21.57 4.74
N CYS B 125 10.39 -20.54 4.35
CA CYS B 125 10.96 -19.47 3.51
C CYS B 125 12.05 -18.67 4.19
N SER B 126 11.94 -18.49 5.52
CA SER B 126 12.96 -17.75 6.29
C SER B 126 14.21 -18.59 6.48
N VAL B 127 14.03 -19.87 6.77
CA VAL B 127 15.16 -20.82 6.83
C VAL B 127 15.93 -20.87 5.48
N ALA B 128 15.18 -20.98 4.37
CA ALA B 128 15.75 -21.01 3.01
C ALA B 128 16.49 -19.71 2.69
N ALA B 129 15.89 -18.57 3.03
CA ALA B 129 16.53 -17.26 2.88
C ALA B 129 17.89 -17.15 3.59
N ARG B 130 17.97 -17.65 4.83
CA ARG B 130 19.22 -17.62 5.61
C ARG B 130 20.28 -18.51 4.96
N GLY B 131 19.81 -19.58 4.32
CA GLY B 131 20.71 -20.44 3.53
C GLY B 131 21.35 -19.62 2.42
N TYR B 132 20.51 -18.97 1.63
CA TYR B 132 20.99 -18.09 0.55
C TYR B 132 21.93 -16.99 1.05
N ILE B 133 21.52 -16.30 2.12
CA ILE B 133 22.29 -15.18 2.67
C ILE B 133 23.66 -15.63 3.19
N SER B 134 23.68 -16.70 3.99
CA SER B 134 24.95 -17.20 4.51
C SER B 134 25.87 -17.70 3.38
N THR B 135 25.28 -18.18 2.28
CA THR B 135 26.05 -18.56 1.08
C THR B 135 26.66 -17.34 0.36
N ARG B 136 25.87 -16.28 0.18
CA ARG B 136 26.40 -15.00 -0.36
C ARG B 136 27.60 -14.48 0.44
N VAL B 137 27.46 -14.50 1.77
CA VAL B 137 28.55 -14.13 2.67
C VAL B 137 29.79 -14.99 2.51
N GLU B 138 29.63 -16.32 2.58
CA GLU B 138 30.78 -17.22 2.46
C GLU B 138 31.47 -17.17 1.10
N MET B 139 30.72 -16.82 0.06
CA MET B 139 31.28 -16.63 -1.29
C MET B 139 32.09 -15.34 -1.39
N GLY B 140 31.97 -14.47 -0.40
CA GLY B 140 32.61 -13.16 -0.41
C GLY B 140 31.83 -12.14 -1.23
N GLU B 141 30.54 -12.39 -1.44
CA GLU B 141 29.71 -11.47 -2.24
C GLU B 141 28.94 -10.46 -1.39
N ALA B 142 28.77 -10.75 -0.10
CA ALA B 142 28.00 -9.90 0.78
C ALA B 142 28.47 -9.96 2.24
N ALA B 143 28.15 -8.90 2.98
CA ALA B 143 28.10 -8.93 4.45
C ALA B 143 26.65 -9.08 4.86
N ALA B 144 26.41 -9.77 5.97
CA ALA B 144 25.06 -9.97 6.46
C ALA B 144 24.99 -9.83 7.97
N ILE B 145 23.84 -9.35 8.44
CA ILE B 145 23.57 -9.21 9.86
C ILE B 145 22.27 -9.94 10.20
N PHE B 146 22.36 -10.91 11.10
CA PHE B 146 21.19 -11.62 11.62
C PHE B 146 20.91 -11.09 13.02
N MET B 147 19.74 -10.49 13.21
CA MET B 147 19.38 -9.89 14.49
C MET B 147 18.23 -10.69 15.09
N THR B 148 18.40 -11.10 16.35
CA THR B 148 17.30 -11.66 17.11
C THR B 148 17.56 -11.66 18.61
N ALA B 149 16.49 -11.52 19.39
CA ALA B 149 16.50 -11.72 20.84
C ALA B 149 16.51 -13.18 21.27
N THR B 150 16.19 -14.08 20.33
CA THR B 150 16.12 -15.51 20.63
C THR B 150 16.86 -16.31 19.57
N PRO B 151 18.21 -16.30 19.61
CA PRO B 151 19.03 -17.03 18.63
C PRO B 151 18.87 -18.55 18.73
N PRO B 152 19.22 -19.29 17.66
CA PRO B 152 19.39 -20.74 17.74
C PRO B 152 20.17 -21.13 18.98
N GLY B 153 19.59 -22.02 19.79
CA GLY B 153 20.19 -22.38 21.07
C GLY B 153 19.44 -21.78 22.25
N SER B 154 18.42 -20.99 21.94
CA SER B 154 17.55 -20.37 22.95
C SER B 154 16.66 -21.41 23.60
N ILE B 155 16.67 -21.40 24.93
CA ILE B 155 15.91 -22.34 25.72
C ILE B 155 15.17 -21.61 26.84
N ASP B 156 15.49 -20.33 27.04
CA ASP B 156 14.94 -19.56 28.17
C ASP B 156 13.66 -18.81 27.80
N PRO B 157 12.50 -19.28 28.29
CA PRO B 157 11.24 -18.65 27.91
C PRO B 157 10.99 -17.34 28.65
N PHE B 158 11.84 -17.03 29.64
CA PHE B 158 11.67 -15.85 30.47
C PHE B 158 12.90 -14.93 30.44
N PRO B 159 13.28 -14.40 29.26
CA PRO B 159 14.50 -13.61 29.24
C PRO B 159 14.33 -12.20 29.83
N GLN B 160 15.42 -11.43 29.77
CA GLN B 160 15.48 -10.04 30.24
C GLN B 160 14.46 -9.14 29.56
N SER B 161 13.89 -8.23 30.36
CA SER B 161 12.92 -7.25 29.88
C SER B 161 13.32 -5.83 30.35
N ASN B 162 12.77 -4.79 29.71
CA ASN B 162 13.06 -3.39 30.10
C ASN B 162 12.42 -3.04 31.43
N SER B 163 11.36 -3.78 31.76
CA SER B 163 10.56 -3.55 32.96
C SER B 163 10.21 -4.92 33.56
N PRO B 164 10.09 -5.00 34.90
CA PRO B 164 9.71 -6.28 35.52
C PRO B 164 8.42 -6.90 34.94
N ILE B 165 8.44 -8.22 34.79
CA ILE B 165 7.26 -8.97 34.33
C ILE B 165 6.83 -9.94 35.43
N GLU B 166 5.54 -9.94 35.74
CA GLU B 166 4.95 -10.95 36.61
C GLU B 166 4.54 -12.17 35.80
N ASP B 167 5.26 -13.28 35.96
CA ASP B 167 4.95 -14.51 35.25
C ASP B 167 3.98 -15.39 36.03
N ILE B 168 2.86 -15.71 35.40
CA ILE B 168 1.72 -16.34 36.03
C ILE B 168 1.29 -17.55 35.21
N GLU B 169 1.35 -18.73 35.80
CA GLU B 169 0.81 -19.91 35.14
C GLU B 169 -0.63 -20.24 35.58
N ARG B 170 -1.54 -20.27 34.60
CA ARG B 170 -2.98 -20.53 34.80
C ARG B 170 -3.52 -21.32 33.62
N GLU B 171 -4.62 -22.05 33.85
CA GLU B 171 -5.40 -22.60 32.76
C GLU B 171 -5.92 -21.46 31.89
N ILE B 172 -5.73 -21.58 30.59
CA ILE B 172 -6.23 -20.60 29.63
C ILE B 172 -7.28 -21.26 28.71
N PRO B 173 -8.43 -20.59 28.48
CA PRO B 173 -9.42 -21.22 27.60
C PRO B 173 -8.97 -21.24 26.13
N GLU B 174 -9.22 -22.37 25.47
CA GLU B 174 -8.95 -22.52 24.04
C GLU B 174 -10.20 -22.26 23.21
N ARG B 175 -11.36 -22.27 23.89
CA ARG B 175 -12.66 -21.98 23.30
C ARG B 175 -13.41 -20.96 24.16
N SER B 176 -14.59 -20.55 23.71
CA SER B 176 -15.46 -19.66 24.49
C SER B 176 -15.86 -20.29 25.82
N TRP B 177 -16.05 -19.46 26.85
CA TRP B 177 -16.39 -19.94 28.20
C TRP B 177 -17.62 -19.22 28.77
N ASN B 178 -18.25 -19.83 29.76
CA ASN B 178 -19.41 -19.24 30.44
C ASN B 178 -19.10 -18.65 31.80
N THR B 179 -18.16 -19.30 32.49
CA THR B 179 -17.74 -18.93 33.84
C THR B 179 -16.38 -19.56 34.09
N GLY B 180 -15.89 -19.38 35.31
CA GLY B 180 -14.64 -20.01 35.75
C GLY B 180 -13.37 -19.30 35.35
N PHE B 181 -13.49 -18.19 34.61
CA PHE B 181 -12.33 -17.42 34.14
C PHE B 181 -12.50 -15.92 34.37
N ASP B 182 -13.00 -15.52 35.54
CA ASP B 182 -13.27 -14.11 35.80
C ASP B 182 -12.01 -13.22 35.73
N TRP B 183 -10.86 -13.78 36.09
CA TRP B 183 -9.56 -13.09 35.99
C TRP B 183 -9.28 -12.50 34.59
N ILE B 184 -9.83 -13.10 33.54
CA ILE B 184 -9.65 -12.62 32.17
C ILE B 184 -10.33 -11.27 31.98
N THR B 185 -11.60 -11.22 32.38
CA THR B 185 -12.45 -10.05 32.16
C THR B 185 -12.44 -9.03 33.32
N ASP B 186 -11.95 -9.45 34.50
CA ASP B 186 -11.86 -8.56 35.67
C ASP B 186 -10.68 -7.58 35.56
N TYR B 187 -9.63 -8.04 34.88
CA TYR B 187 -8.45 -7.23 34.65
C TYR B 187 -8.81 -5.90 33.97
N GLN B 188 -8.23 -4.81 34.47
CA GLN B 188 -8.61 -3.48 34.04
C GLN B 188 -7.74 -2.85 32.96
N GLY B 189 -6.63 -3.52 32.59
CA GLY B 189 -5.72 -3.00 31.58
C GLY B 189 -5.94 -3.54 30.17
N LYS B 190 -4.90 -3.43 29.35
CA LYS B 190 -4.95 -3.94 27.97
C LYS B 190 -4.27 -5.30 27.85
N THR B 191 -4.93 -6.22 27.16
CA THR B 191 -4.43 -7.58 26.96
C THR B 191 -4.16 -7.92 25.48
N VAL B 192 -3.05 -8.60 25.24
CA VAL B 192 -2.73 -9.24 23.97
C VAL B 192 -2.80 -10.75 24.19
N TRP B 193 -3.76 -11.40 23.51
CA TRP B 193 -4.03 -12.81 23.67
C TRP B 193 -3.61 -13.50 22.37
N PHE B 194 -2.65 -14.41 22.47
CA PHE B 194 -2.21 -15.16 21.28
C PHE B 194 -3.05 -16.40 21.04
N VAL B 195 -3.58 -16.55 19.83
CA VAL B 195 -4.38 -17.72 19.48
C VAL B 195 -3.69 -18.50 18.34
N PRO B 196 -3.84 -19.83 18.31
CA PRO B 196 -3.18 -20.67 17.30
C PRO B 196 -3.85 -20.58 15.92
N SER B 197 -5.09 -20.09 15.89
CA SER B 197 -5.89 -20.08 14.67
C SER B 197 -6.90 -18.95 14.64
N ILE B 198 -7.33 -18.60 13.43
CA ILE B 198 -8.34 -17.57 13.21
C ILE B 198 -9.71 -18.03 13.76
N LYS B 199 -10.03 -19.30 13.53
CA LYS B 199 -11.24 -19.93 14.07
C LYS B 199 -11.34 -19.75 15.59
N ALA B 200 -10.27 -20.09 16.30
CA ALA B 200 -10.23 -19.96 17.76
C ALA B 200 -10.28 -18.48 18.13
N GLY B 201 -9.52 -17.67 17.40
CA GLY B 201 -9.52 -16.22 17.54
C GLY B 201 -10.90 -15.59 17.47
N ASN B 202 -11.68 -15.95 16.44
CA ASN B 202 -13.06 -15.46 16.28
C ASN B 202 -13.95 -15.87 17.45
N ASP B 203 -13.81 -17.13 17.88
CA ASP B 203 -14.61 -17.68 18.99
C ASP B 203 -14.29 -16.99 20.31
N ILE B 204 -13.00 -16.81 20.60
CA ILE B 204 -12.56 -16.13 21.83
C ILE B 204 -12.96 -14.66 21.82
N ALA B 205 -12.80 -14.02 20.66
CA ALA B 205 -13.12 -12.61 20.50
C ALA B 205 -14.61 -12.33 20.69
N ASN B 206 -15.46 -13.20 20.15
CA ASN B 206 -16.91 -13.07 20.32
C ASN B 206 -17.34 -13.27 21.77
N CYS B 207 -16.69 -14.19 22.48
CA CYS B 207 -16.91 -14.38 23.91
C CYS B 207 -16.58 -13.11 24.70
N LEU B 208 -15.48 -12.46 24.34
CA LEU B 208 -15.05 -11.24 25.05
C LEU B 208 -15.97 -10.06 24.73
N ARG B 209 -16.35 -9.93 23.45
CA ARG B 209 -17.29 -8.88 23.04
C ARG B 209 -18.63 -8.93 23.78
N LYS B 210 -19.18 -10.12 23.98
CA LYS B 210 -20.45 -10.26 24.73
C LYS B 210 -20.27 -10.07 26.26
N SER B 211 -19.02 -9.89 26.70
CA SER B 211 -18.73 -9.46 28.07
C SER B 211 -18.51 -7.93 28.12
N GLY B 212 -18.81 -7.25 27.03
CA GLY B 212 -18.72 -5.80 26.94
C GLY B 212 -17.32 -5.29 26.68
N LYS B 213 -16.47 -6.18 26.19
CA LYS B 213 -15.07 -5.85 25.92
C LYS B 213 -14.86 -5.35 24.49
N ARG B 214 -13.91 -4.44 24.34
CA ARG B 214 -13.53 -3.92 23.04
C ARG B 214 -12.36 -4.74 22.53
N VAL B 215 -12.59 -5.45 21.43
CA VAL B 215 -11.64 -6.43 20.93
C VAL B 215 -11.21 -6.13 19.48
N ILE B 216 -9.90 -6.11 19.27
CA ILE B 216 -9.33 -6.02 17.92
C ILE B 216 -8.75 -7.38 17.55
N GLN B 217 -9.15 -7.90 16.38
CA GLN B 217 -8.61 -9.17 15.90
C GLN B 217 -7.52 -8.95 14.85
N LEU B 218 -6.35 -9.54 15.11
CA LEU B 218 -5.21 -9.44 14.22
C LEU B 218 -4.77 -10.77 13.66
N SER B 219 -4.63 -10.79 12.35
CA SER B 219 -4.18 -11.95 11.61
C SER B 219 -3.90 -11.49 10.19
N ARG B 220 -3.40 -12.41 9.37
CA ARG B 220 -3.04 -12.09 7.99
C ARG B 220 -4.22 -11.43 7.23
N LYS B 221 -5.44 -11.89 7.49
CA LYS B 221 -6.64 -11.39 6.82
C LYS B 221 -7.03 -9.98 7.24
N THR B 222 -6.81 -9.65 8.52
CA THR B 222 -7.32 -8.40 9.08
C THR B 222 -6.25 -7.34 9.37
N PHE B 223 -4.99 -7.62 9.07
CA PHE B 223 -3.87 -6.69 9.36
C PHE B 223 -4.11 -5.25 8.86
N ASP B 224 -4.53 -5.11 7.61
CA ASP B 224 -4.54 -3.80 6.97
C ASP B 224 -5.44 -2.78 7.67
N THR B 225 -6.62 -3.22 8.09
CA THR B 225 -7.61 -2.36 8.71
C THR B 225 -7.48 -2.31 10.23
N GLU B 226 -7.04 -3.44 10.82
CA GLU B 226 -7.05 -3.61 12.27
C GLU B 226 -5.75 -3.25 12.96
N TYR B 227 -4.60 -3.41 12.29
CA TYR B 227 -3.33 -3.04 12.93
C TYR B 227 -3.20 -1.55 13.33
N PRO B 228 -3.59 -0.61 12.44
CA PRO B 228 -3.58 0.80 12.86
C PRO B 228 -4.46 1.10 14.07
N LYS B 229 -5.51 0.31 14.27
CA LYS B 229 -6.43 0.50 15.40
C LYS B 229 -5.77 0.15 16.74
N THR B 230 -4.77 -0.73 16.71
CA THR B 230 -4.06 -1.16 17.92
C THR B 230 -3.21 -0.03 18.50
N LYS B 231 -2.89 0.97 17.69
CA LYS B 231 -2.12 2.15 18.13
C LYS B 231 -2.97 3.20 18.84
N LEU B 232 -4.28 3.06 18.75
CA LEU B 232 -5.22 3.87 19.52
C LEU B 232 -5.30 3.32 20.96
N THR B 233 -5.99 4.06 21.83
CA THR B 233 -6.22 3.66 23.22
C THR B 233 -7.58 2.96 23.35
N ASP B 234 -8.22 2.77 22.21
CA ASP B 234 -9.66 2.55 22.13
C ASP B 234 -10.06 1.08 22.32
N TRP B 235 -9.20 0.31 22.99
CA TRP B 235 -9.38 -1.13 23.03
C TRP B 235 -9.02 -1.79 24.36
N ASP B 236 -9.58 -2.98 24.59
CA ASP B 236 -9.30 -3.78 25.77
C ASP B 236 -8.44 -5.01 25.43
N PHE B 237 -8.76 -5.67 24.32
CA PHE B 237 -8.08 -6.90 23.92
C PHE B 237 -7.64 -6.85 22.46
N VAL B 238 -6.40 -7.28 22.22
CA VAL B 238 -5.96 -7.69 20.89
C VAL B 238 -5.90 -9.21 20.93
N VAL B 239 -6.70 -9.86 20.10
CA VAL B 239 -6.65 -11.32 19.96
C VAL B 239 -5.89 -11.53 18.67
N THR B 240 -4.69 -12.10 18.76
CA THR B 240 -3.79 -12.22 17.59
C THR B 240 -3.33 -13.62 17.32
N THR B 241 -3.07 -13.91 16.04
CA THR B 241 -2.17 -14.99 15.66
C THR B 241 -0.71 -14.56 15.90
N ASP B 242 0.22 -15.45 15.60
CA ASP B 242 1.63 -15.10 15.69
C ASP B 242 2.09 -14.07 14.65
N ILE B 243 1.15 -13.51 13.88
CA ILE B 243 1.49 -12.34 13.05
C ILE B 243 2.15 -11.27 13.90
N SER B 244 1.78 -11.19 15.18
CA SER B 244 2.40 -10.17 16.02
C SER B 244 3.25 -10.74 17.17
N GLU B 245 3.73 -11.97 16.97
CA GLU B 245 4.65 -12.62 17.90
C GLU B 245 5.93 -11.82 18.11
N MET B 246 6.41 -11.24 17.02
CA MET B 246 7.67 -10.52 16.98
C MET B 246 7.41 -9.04 16.73
N GLY B 247 8.23 -8.19 17.33
CA GLY B 247 8.29 -6.78 16.95
C GLY B 247 7.22 -5.82 17.44
N ALA B 248 6.01 -6.31 17.64
CA ALA B 248 4.85 -5.46 17.94
C ALA B 248 5.07 -4.57 19.16
N ASN B 249 4.65 -3.31 19.04
CA ASN B 249 4.72 -2.35 20.13
C ASN B 249 3.32 -1.95 20.55
N PHE B 250 2.59 -2.90 21.11
CA PHE B 250 1.26 -2.65 21.63
C PHE B 250 1.44 -1.88 22.92
N ARG B 251 0.43 -1.17 23.37
CA ARG B 251 0.64 -0.48 24.63
C ARG B 251 -0.08 -1.23 25.72
N ALA B 252 0.33 -2.49 25.90
CA ALA B 252 -0.43 -3.42 26.70
C ALA B 252 0.14 -3.59 28.11
N GLY B 253 -0.69 -4.08 29.03
CA GLY B 253 -0.23 -4.46 30.36
C GLY B 253 -0.13 -5.96 30.57
N ARG B 254 -0.77 -6.74 29.69
CA ARG B 254 -0.85 -8.18 29.90
C ARG B 254 -0.78 -8.97 28.61
N VAL B 255 -0.08 -10.09 28.66
CA VAL B 255 -0.11 -11.07 27.57
C VAL B 255 -0.71 -12.37 28.09
N ILE B 256 -1.61 -12.96 27.29
CA ILE B 256 -2.17 -14.28 27.57
C ILE B 256 -1.62 -15.21 26.50
N ASP B 257 -0.91 -16.25 26.92
CA ASP B 257 -0.24 -17.13 26.01
C ASP B 257 -0.56 -18.59 26.34
N PRO B 258 -1.50 -19.19 25.58
CA PRO B 258 -1.78 -20.61 25.77
C PRO B 258 -0.60 -21.50 25.37
N ARG B 259 0.40 -20.92 24.68
CA ARG B 259 1.65 -21.64 24.38
C ARG B 259 1.44 -22.94 23.60
N ARG B 260 0.43 -22.97 22.74
CA ARG B 260 0.08 -24.18 21.99
C ARG B 260 -0.22 -23.86 20.53
N CYS B 261 0.12 -24.78 19.64
CA CYS B 261 -0.24 -24.64 18.21
C CYS B 261 -0.30 -25.98 17.50
N LEU B 262 -0.87 -25.98 16.29
CA LEU B 262 -0.81 -27.16 15.43
C LEU B 262 0.52 -27.15 14.66
N LYS B 263 1.02 -28.34 14.37
CA LYS B 263 2.32 -28.51 13.72
C LYS B 263 2.12 -29.40 12.50
N PRO B 264 2.48 -28.88 11.30
CA PRO B 264 2.50 -29.77 10.14
C PRO B 264 3.60 -30.81 10.30
N VAL B 265 3.29 -32.08 10.10
CA VAL B 265 4.29 -33.15 10.20
C VAL B 265 4.21 -34.07 8.99
N ILE B 266 5.35 -34.35 8.37
CA ILE B 266 5.43 -35.33 7.31
C ILE B 266 5.53 -36.75 7.90
N LEU B 267 4.48 -37.54 7.68
CA LEU B 267 4.50 -38.96 8.03
C LEU B 267 5.17 -39.80 6.93
N THR B 268 5.96 -40.77 7.35
CA THR B 268 6.69 -41.65 6.45
C THR B 268 6.33 -43.13 6.65
N ASP B 269 5.44 -43.38 7.60
CA ASP B 269 4.87 -44.71 7.83
C ASP B 269 3.72 -44.87 6.86
N GLY B 270 3.90 -45.73 5.86
CA GLY B 270 2.99 -45.82 4.71
C GLY B 270 3.24 -44.68 3.73
N PRO B 271 2.33 -44.48 2.73
CA PRO B 271 2.56 -43.42 1.76
C PRO B 271 2.78 -42.07 2.44
N GLU B 272 3.80 -41.36 1.99
CA GLU B 272 4.19 -40.08 2.57
C GLU B 272 3.05 -39.07 2.49
N ARG B 273 2.79 -38.40 3.62
CA ARG B 273 1.69 -37.45 3.73
C ARG B 273 1.90 -36.45 4.86
N VAL B 274 1.24 -35.31 4.79
CA VAL B 274 1.32 -34.30 5.85
C VAL B 274 0.05 -34.28 6.69
N ILE B 275 0.23 -34.33 8.01
CA ILE B 275 -0.87 -34.18 8.96
C ILE B 275 -0.69 -32.87 9.72
N LEU B 276 -1.75 -32.36 10.35
CA LEU B 276 -1.60 -31.29 11.33
C LEU B 276 -1.68 -31.92 12.72
N ALA B 277 -0.52 -32.02 13.37
CA ALA B 277 -0.38 -32.63 14.69
C ALA B 277 -0.67 -31.63 15.80
N GLY B 278 -1.20 -32.12 16.91
CA GLY B 278 -1.38 -31.32 18.11
C GLY B 278 -2.81 -31.04 18.53
N PRO B 279 -3.03 -29.94 19.27
CA PRO B 279 -2.03 -28.91 19.60
C PRO B 279 -0.81 -29.42 20.40
N ILE B 280 0.35 -28.86 20.06
CA ILE B 280 1.60 -29.14 20.74
C ILE B 280 2.13 -27.82 21.32
N PRO B 281 2.95 -27.88 22.39
CA PRO B 281 3.57 -26.67 22.92
C PRO B 281 4.42 -25.94 21.87
N VAL B 282 4.43 -24.61 21.95
CA VAL B 282 5.29 -23.78 21.10
C VAL B 282 6.73 -23.92 21.59
N THR B 283 7.69 -23.50 20.77
CA THR B 283 9.10 -23.52 21.19
C THR B 283 9.35 -22.44 22.25
N PRO B 284 10.44 -22.59 23.04
CA PRO B 284 10.88 -21.59 24.01
C PRO B 284 11.03 -20.18 23.39
N ALA B 285 11.56 -20.09 22.18
CA ALA B 285 11.72 -18.83 21.45
C ALA B 285 10.39 -18.15 21.17
N SER B 286 9.40 -18.90 20.67
CA SER B 286 8.07 -18.34 20.47
C SER B 286 7.44 -17.82 21.77
N ALA B 287 7.53 -18.62 22.83
CA ALA B 287 7.04 -18.22 24.17
C ALA B 287 7.73 -16.94 24.64
N ALA B 288 9.06 -16.87 24.49
CA ALA B 288 9.83 -15.70 24.89
C ALA B 288 9.47 -14.44 24.10
N GLN B 289 9.27 -14.60 22.79
CA GLN B 289 8.85 -13.51 21.89
C GLN B 289 7.47 -12.98 22.23
N ARG B 290 6.53 -13.87 22.54
CA ARG B 290 5.16 -13.44 22.90
C ARG B 290 5.16 -12.69 24.23
N ARG B 291 5.88 -13.23 25.22
CA ARG B 291 6.07 -12.58 26.53
C ARG B 291 6.79 -11.23 26.34
N GLY B 292 7.67 -11.14 25.35
CA GLY B 292 8.36 -9.89 25.03
C GLY B 292 7.48 -8.78 24.50
N ARG B 293 6.21 -9.08 24.24
CA ARG B 293 5.27 -8.03 23.83
C ARG B 293 4.97 -7.09 25.01
N ILE B 294 5.21 -7.56 26.23
CA ILE B 294 5.08 -6.70 27.40
C ILE B 294 6.41 -6.58 28.19
N GLY B 295 6.38 -5.85 29.30
CA GLY B 295 7.60 -5.50 30.04
C GLY B 295 8.56 -4.61 29.27
N ARG B 296 8.03 -3.81 28.34
CA ARG B 296 8.87 -3.00 27.44
C ARG B 296 9.01 -1.55 27.89
N ASN B 297 8.07 -1.08 28.71
CA ASN B 297 8.07 0.29 29.20
C ASN B 297 8.55 0.39 30.66
N PRO B 298 9.76 0.96 30.87
CA PRO B 298 10.33 1.06 32.22
C PRO B 298 9.52 1.89 33.22
N ALA B 299 8.65 2.78 32.73
CA ALA B 299 7.76 3.56 33.59
C ALA B 299 6.52 2.76 34.08
N GLN B 300 6.24 1.64 33.41
CA GLN B 300 5.10 0.78 33.77
C GLN B 300 5.61 -0.60 34.23
N GLU B 301 5.53 -0.83 35.54
CA GLU B 301 6.28 -1.89 36.23
C GLU B 301 5.52 -3.17 36.55
N ASP B 302 4.21 -3.18 36.35
CA ASP B 302 3.36 -4.29 36.79
C ASP B 302 2.76 -5.19 35.69
N ASP B 303 3.41 -5.24 34.53
CA ASP B 303 2.94 -6.08 33.42
C ASP B 303 2.92 -7.56 33.79
N GLN B 304 2.02 -8.30 33.16
CA GLN B 304 1.82 -9.71 33.46
C GLN B 304 1.98 -10.55 32.20
N TYR B 305 2.64 -11.70 32.33
CA TYR B 305 2.61 -12.74 31.31
C TYR B 305 1.93 -13.94 31.92
N VAL B 306 0.75 -14.25 31.39
CA VAL B 306 -0.08 -15.37 31.85
C VAL B 306 0.02 -16.46 30.80
N PHE B 307 0.46 -17.65 31.23
CA PHE B 307 0.77 -18.74 30.31
C PHE B 307 0.28 -20.06 30.88
N SER B 308 0.22 -21.07 30.03
CA SER B 308 -0.12 -22.43 30.44
C SER B 308 0.82 -23.43 29.83
N GLY B 309 1.45 -24.22 30.68
CA GLY B 309 2.30 -25.32 30.23
C GLY B 309 3.71 -24.89 29.88
N ASP B 310 4.56 -25.89 29.67
CA ASP B 310 5.94 -25.69 29.29
C ASP B 310 6.02 -25.61 27.79
N PRO B 311 7.06 -24.92 27.28
CA PRO B 311 7.32 -24.95 25.85
C PRO B 311 7.99 -26.27 25.47
N LEU B 312 8.11 -26.52 24.16
CA LEU B 312 8.72 -27.73 23.65
C LEU B 312 9.77 -27.34 22.62
N LYS B 313 11.03 -27.57 22.97
CA LYS B 313 12.16 -27.14 22.15
C LYS B 313 12.41 -28.03 20.91
N ASN B 314 12.23 -29.34 21.07
CA ASN B 314 12.41 -30.26 19.96
C ASN B 314 11.32 -30.13 18.88
N ASP B 315 11.67 -29.57 17.72
CA ASP B 315 10.73 -29.49 16.59
C ASP B 315 11.27 -30.22 15.34
N GLU B 316 12.07 -31.27 15.57
CA GLU B 316 12.73 -32.02 14.49
C GLU B 316 11.76 -32.67 13.53
N ASP B 317 10.54 -32.94 14.00
CA ASP B 317 9.47 -33.53 13.16
C ASP B 317 8.58 -32.51 12.42
N HIS B 318 8.84 -31.22 12.64
CA HIS B 318 8.10 -30.16 11.97
C HIS B 318 8.45 -30.15 10.49
N ALA B 319 7.42 -30.06 9.65
CA ALA B 319 7.56 -30.04 8.18
C ALA B 319 8.45 -28.89 7.68
N HIS B 320 8.51 -27.79 8.43
CA HIS B 320 9.32 -26.63 7.98
C HIS B 320 10.80 -26.92 7.64
N TRP B 321 11.44 -27.88 8.33
CA TRP B 321 12.84 -28.24 8.02
C TRP B 321 13.02 -28.88 6.64
N THR B 322 12.13 -29.81 6.29
CA THR B 322 12.11 -30.40 4.96
C THR B 322 11.72 -29.40 3.89
N GLU B 323 10.66 -28.64 4.16
CA GLU B 323 10.13 -27.65 3.23
C GLU B 323 11.14 -26.56 2.92
N ALA B 324 11.91 -26.14 3.93
CA ALA B 324 13.01 -25.20 3.72
C ALA B 324 14.04 -25.71 2.71
N LYS B 325 14.40 -26.99 2.81
CA LYS B 325 15.35 -27.62 1.87
C LYS B 325 14.76 -27.80 0.46
N MET B 326 13.46 -28.10 0.38
CA MET B 326 12.75 -28.15 -0.90
C MET B 326 12.84 -26.82 -1.63
N LEU B 327 12.71 -25.72 -0.89
CA LEU B 327 12.87 -24.37 -1.46
C LEU B 327 14.32 -24.08 -1.84
N LEU B 328 15.24 -24.31 -0.90
CA LEU B 328 16.63 -23.93 -1.10
C LEU B 328 17.34 -24.73 -2.22
N ASP B 329 16.96 -26.01 -2.40
CA ASP B 329 17.51 -26.85 -3.50
C ASP B 329 17.13 -26.35 -4.89
N ASN B 330 16.19 -25.40 -4.92
CA ASN B 330 15.71 -24.81 -6.15
C ASN B 330 16.02 -23.31 -6.27
N ILE B 331 16.88 -22.81 -5.39
CA ILE B 331 17.39 -21.44 -5.47
C ILE B 331 18.86 -21.45 -5.92
N TYR B 332 19.21 -20.44 -6.70
CA TYR B 332 20.54 -20.30 -7.28
C TYR B 332 21.12 -18.91 -7.02
N THR B 333 22.43 -18.81 -6.81
CA THR B 333 23.13 -17.53 -6.88
C THR B 333 23.39 -17.27 -8.36
N PRO B 334 23.72 -16.00 -8.75
CA PRO B 334 24.19 -15.69 -10.11
C PRO B 334 25.39 -16.49 -10.61
N GLU B 335 26.26 -16.92 -9.70
CA GLU B 335 27.45 -17.67 -10.04
C GLU B 335 27.10 -19.14 -10.34
N GLY B 336 25.84 -19.49 -10.10
CA GLY B 336 25.28 -20.82 -10.42
C GLY B 336 25.07 -21.72 -9.22
N ILE B 337 25.58 -21.28 -8.08
CA ILE B 337 25.68 -22.05 -6.86
C ILE B 337 24.30 -22.25 -6.24
N ILE B 338 24.01 -23.49 -5.83
CA ILE B 338 22.85 -23.74 -5.00
C ILE B 338 23.33 -23.61 -3.56
N PRO B 339 22.70 -22.70 -2.79
CA PRO B 339 23.07 -22.43 -1.41
C PRO B 339 22.87 -23.65 -0.52
N THR B 340 23.62 -23.67 0.57
CA THR B 340 23.47 -24.64 1.65
C THR B 340 22.78 -23.92 2.82
N LEU B 341 22.12 -24.69 3.69
CA LEU B 341 21.43 -24.16 4.85
C LEU B 341 22.40 -23.42 5.74
N PHE B 342 21.89 -22.41 6.44
CA PHE B 342 22.67 -21.72 7.46
C PHE B 342 23.14 -22.76 8.50
N GLY B 343 24.41 -22.67 8.89
CA GLY B 343 25.07 -23.59 9.85
C GLY B 343 24.23 -24.32 10.90
N PRO B 344 23.75 -23.58 11.92
CA PRO B 344 22.94 -24.12 13.01
C PRO B 344 21.67 -24.83 12.57
N GLU B 345 21.32 -24.66 11.30
CA GLU B 345 20.05 -25.18 10.78
C GLU B 345 20.21 -26.41 9.90
N ARG B 346 21.42 -26.93 9.83
CA ARG B 346 21.72 -28.13 9.07
C ARG B 346 21.48 -29.35 9.95
N GLU B 347 21.06 -30.44 9.30
CA GLU B 347 20.81 -31.72 9.96
C GLU B 347 19.78 -31.61 11.11
N LYS B 348 18.73 -30.84 10.86
CA LYS B 348 17.57 -30.79 11.74
C LYS B 348 16.70 -31.98 11.37
N THR B 349 16.83 -32.40 10.10
CA THR B 349 16.45 -33.74 9.64
C THR B 349 17.56 -34.21 8.68
N GLN B 350 17.64 -35.53 8.45
CA GLN B 350 18.63 -36.17 7.57
C GLN B 350 18.27 -35.87 6.11
N ALA B 351 19.14 -35.12 5.43
CA ALA B 351 18.68 -34.35 4.28
C ALA B 351 19.49 -34.54 3.02
N ILE B 352 19.77 -35.78 2.63
CA ILE B 352 20.59 -36.05 1.43
C ILE B 352 20.62 -34.83 0.48
N ASP B 353 21.81 -34.26 0.33
CA ASP B 353 21.96 -32.96 -0.34
C ASP B 353 21.57 -33.00 -1.82
N GLY B 354 20.87 -31.96 -2.26
CA GLY B 354 20.40 -31.85 -3.65
C GLY B 354 19.24 -32.78 -3.97
N GLU B 355 18.70 -33.40 -2.93
CA GLU B 355 17.62 -34.37 -3.07
C GLU B 355 16.34 -33.77 -3.61
N PHE B 356 16.18 -32.45 -3.45
CA PHE B 356 14.96 -31.79 -3.92
C PHE B 356 15.10 -30.90 -5.15
N ARG B 357 16.24 -31.00 -5.84
CA ARG B 357 16.52 -30.20 -7.03
C ARG B 357 15.57 -30.55 -8.16
N LEU B 358 14.78 -29.57 -8.59
CA LEU B 358 13.93 -29.75 -9.77
C LEU B 358 14.55 -29.04 -10.98
N ARG B 359 14.22 -29.50 -12.17
CA ARG B 359 14.82 -28.94 -13.37
C ARG B 359 13.75 -28.48 -14.33
N GLY B 360 14.08 -27.46 -15.10
CA GLY B 360 13.24 -26.97 -16.19
C GLY B 360 11.84 -26.53 -15.79
N GLU B 361 10.83 -27.08 -16.47
CA GLU B 361 9.45 -26.68 -16.22
C GLU B 361 8.88 -27.20 -14.90
N GLN B 362 9.56 -28.17 -14.30
CA GLN B 362 9.16 -28.71 -13.00
C GLN B 362 9.39 -27.67 -11.91
N ARG B 363 10.50 -26.95 -12.00
CA ARG B 363 10.82 -25.90 -11.06
C ARG B 363 9.84 -24.72 -11.15
N LYS B 364 9.54 -24.30 -12.38
CA LYS B 364 8.54 -23.27 -12.65
C LYS B 364 7.16 -23.63 -12.09
N THR B 365 6.73 -24.88 -12.31
CA THR B 365 5.46 -25.41 -11.80
C THR B 365 5.45 -25.41 -10.26
N PHE B 366 6.56 -25.83 -9.67
CA PHE B 366 6.75 -25.83 -8.22
C PHE B 366 6.39 -24.46 -7.67
N VAL B 367 6.98 -23.42 -8.25
CA VAL B 367 6.76 -22.03 -7.82
C VAL B 367 5.30 -21.59 -8.06
N GLU B 368 4.80 -21.84 -9.26
CA GLU B 368 3.38 -21.59 -9.58
C GLU B 368 2.40 -22.21 -8.59
N LEU B 369 2.61 -23.48 -8.24
CA LEU B 369 1.72 -24.19 -7.33
C LEU B 369 1.64 -23.53 -5.95
N MET B 370 2.76 -22.99 -5.49
CA MET B 370 2.81 -22.26 -4.23
C MET B 370 2.19 -20.86 -4.33
N ARG B 371 2.60 -20.12 -5.36
CA ARG B 371 2.25 -18.71 -5.53
C ARG B 371 0.85 -18.43 -6.07
N ARG B 372 0.45 -19.18 -7.09
CA ARG B 372 -0.88 -19.04 -7.70
C ARG B 372 -1.85 -20.07 -7.13
N GLY B 373 -1.36 -21.28 -6.90
CA GLY B 373 -2.20 -22.37 -6.42
C GLY B 373 -2.49 -22.29 -4.94
N ASP B 374 -1.72 -21.46 -4.21
CA ASP B 374 -1.83 -21.38 -2.73
C ASP B 374 -1.58 -22.69 -1.99
N LEU B 375 -0.78 -23.59 -2.57
CA LEU B 375 -0.56 -24.90 -1.97
C LEU B 375 0.69 -24.88 -1.08
N PRO B 376 0.70 -25.69 -0.02
CA PRO B 376 1.91 -25.82 0.82
C PRO B 376 3.15 -26.27 0.02
N VAL B 377 4.33 -25.99 0.56
CA VAL B 377 5.58 -26.36 -0.10
C VAL B 377 5.67 -27.86 -0.40
N TRP B 378 5.41 -28.69 0.61
CA TRP B 378 5.53 -30.14 0.44
C TRP B 378 4.65 -30.65 -0.72
N LEU B 379 3.39 -30.29 -0.68
CA LEU B 379 2.42 -30.70 -1.71
C LEU B 379 2.83 -30.18 -3.08
N SER B 380 3.28 -28.93 -3.14
CA SER B 380 3.72 -28.33 -4.41
C SER B 380 4.89 -29.13 -4.99
N TYR B 381 5.82 -29.50 -4.11
CA TYR B 381 6.98 -30.29 -4.51
C TYR B 381 6.59 -31.66 -5.07
N LYS B 382 5.73 -32.37 -4.35
CA LYS B 382 5.21 -33.67 -4.79
C LYS B 382 4.54 -33.62 -6.16
N VAL B 383 3.70 -32.63 -6.39
CA VAL B 383 3.04 -32.49 -7.69
C VAL B 383 4.07 -32.19 -8.78
N ALA B 384 4.90 -31.18 -8.54
CA ALA B 384 5.86 -30.72 -9.56
C ALA B 384 6.87 -31.79 -9.92
N SER B 385 7.39 -32.48 -8.89
CA SER B 385 8.43 -33.51 -9.08
C SER B 385 7.88 -34.73 -9.81
N ALA B 386 6.56 -34.89 -9.81
CA ALA B 386 5.90 -35.92 -10.62
C ALA B 386 5.78 -35.57 -12.11
N GLY B 387 6.24 -34.37 -12.49
CA GLY B 387 6.20 -33.93 -13.89
C GLY B 387 4.84 -33.39 -14.32
N ILE B 388 4.00 -33.07 -13.34
CA ILE B 388 2.64 -32.57 -13.58
C ILE B 388 2.69 -31.04 -13.73
N SER B 389 2.04 -30.52 -14.75
CA SER B 389 2.00 -29.06 -14.96
C SER B 389 0.96 -28.36 -14.09
N TYR B 390 1.15 -27.06 -13.86
CA TYR B 390 0.31 -26.29 -12.94
C TYR B 390 -1.21 -26.44 -13.22
N LYS B 391 -1.63 -26.33 -14.48
CA LYS B 391 -3.06 -26.35 -14.80
C LYS B 391 -3.65 -27.74 -15.03
N ASP B 392 -2.81 -28.75 -14.89
CA ASP B 392 -3.24 -30.14 -14.96
C ASP B 392 -3.65 -30.61 -13.56
N ARG B 393 -4.96 -30.70 -13.36
CA ARG B 393 -5.54 -30.95 -12.04
C ARG B 393 -5.96 -32.40 -11.82
N GLU B 394 -5.61 -33.29 -12.73
CA GLU B 394 -6.05 -34.69 -12.63
C GLU B 394 -5.54 -35.42 -11.39
N TRP B 395 -4.41 -34.99 -10.85
CA TRP B 395 -3.84 -35.60 -9.62
C TRP B 395 -4.78 -35.46 -8.43
N CYS B 396 -5.69 -34.49 -8.51
CA CYS B 396 -6.69 -34.24 -7.48
C CYS B 396 -7.71 -35.35 -7.33
N PHE B 397 -7.77 -36.24 -8.33
CA PHE B 397 -8.83 -37.24 -8.43
C PHE B 397 -8.36 -38.70 -8.53
N THR B 398 -7.04 -38.90 -8.63
CA THR B 398 -6.45 -40.21 -8.98
C THR B 398 -5.77 -40.94 -7.81
N GLY B 399 -5.93 -40.41 -6.60
CA GLY B 399 -5.41 -41.07 -5.41
C GLY B 399 -6.07 -42.41 -5.12
N GLU B 400 -5.44 -43.17 -4.23
CA GLU B 400 -6.02 -44.43 -3.75
C GLU B 400 -7.29 -44.11 -2.93
N ARG B 401 -8.07 -45.15 -2.70
CA ARG B 401 -9.35 -45.13 -1.95
C ARG B 401 -9.28 -44.31 -0.66
N ASN B 402 -8.23 -44.56 0.14
CA ASN B 402 -8.05 -43.87 1.44
C ASN B 402 -7.76 -42.37 1.37
N ASN B 403 -7.47 -41.86 0.17
CA ASN B 403 -7.21 -40.42 -0.03
C ASN B 403 -8.48 -39.62 -0.36
N GLN B 404 -9.63 -40.28 -0.37
CA GLN B 404 -10.91 -39.60 -0.55
C GLN B 404 -11.13 -38.58 0.55
N ILE B 405 -11.44 -37.34 0.15
CA ILE B 405 -11.68 -36.27 1.11
C ILE B 405 -13.15 -36.26 1.55
N LEU B 406 -13.35 -36.11 2.85
CA LEU B 406 -14.66 -36.09 3.46
C LEU B 406 -14.85 -34.72 4.08
N GLU B 407 -16.06 -34.19 3.92
CA GLU B 407 -16.45 -32.92 4.47
C GLU B 407 -17.85 -33.15 5.06
N GLU B 408 -17.98 -32.92 6.37
CA GLU B 408 -19.24 -33.24 7.09
C GLU B 408 -19.64 -34.70 6.87
N ASN B 409 -18.63 -35.57 6.91
CA ASN B 409 -18.80 -37.02 6.76
C ASN B 409 -19.34 -37.46 5.40
N MET B 410 -19.23 -36.58 4.40
CA MET B 410 -19.67 -36.90 3.03
C MET B 410 -18.50 -36.82 2.06
N GLU B 411 -18.51 -37.69 1.06
CA GLU B 411 -17.48 -37.65 0.02
C GLU B 411 -17.59 -36.36 -0.79
N VAL B 412 -16.49 -35.60 -0.81
CA VAL B 412 -16.41 -34.36 -1.56
C VAL B 412 -16.44 -34.63 -3.06
N GLU B 413 -17.35 -33.94 -3.74
CA GLU B 413 -17.44 -33.99 -5.19
C GLU B 413 -17.04 -32.63 -5.77
N ILE B 414 -16.43 -32.69 -6.93
CA ILE B 414 -15.95 -31.49 -7.61
C ILE B 414 -16.49 -31.48 -9.04
N TRP B 415 -17.00 -30.31 -9.44
CA TRP B 415 -17.46 -30.10 -10.81
C TRP B 415 -16.36 -29.34 -11.52
N THR B 416 -15.76 -29.96 -12.51
CA THR B 416 -14.55 -29.41 -13.14
C THR B 416 -14.92 -28.33 -14.17
N ARG B 417 -13.91 -27.54 -14.56
CA ARG B 417 -14.06 -26.49 -15.57
C ARG B 417 -14.74 -27.04 -16.82
N GLU B 418 -14.39 -28.27 -17.16
CA GLU B 418 -14.95 -28.99 -18.32
C GLU B 418 -16.32 -29.62 -18.04
N GLY B 419 -16.78 -29.54 -16.80
CA GLY B 419 -18.11 -30.01 -16.43
C GLY B 419 -18.22 -31.47 -16.05
N GLU B 420 -17.08 -32.12 -15.79
CA GLU B 420 -17.09 -33.46 -15.22
C GLU B 420 -17.38 -33.35 -13.74
N LYS B 421 -18.06 -34.35 -13.18
CA LYS B 421 -18.22 -34.47 -11.74
C LYS B 421 -17.29 -35.58 -11.23
N LYS B 422 -16.35 -35.20 -10.35
CA LYS B 422 -15.34 -36.13 -9.85
C LYS B 422 -15.22 -36.09 -8.31
N LYS B 423 -14.96 -37.24 -7.72
CA LYS B 423 -14.70 -37.33 -6.28
C LYS B 423 -13.30 -36.78 -5.96
N LEU B 424 -13.23 -35.87 -4.98
CA LEU B 424 -11.96 -35.30 -4.55
C LEU B 424 -11.13 -36.34 -3.80
N ARG B 425 -10.09 -36.79 -4.46
CA ARG B 425 -9.31 -37.92 -4.00
C ARG B 425 -7.86 -37.70 -4.47
N PRO B 426 -7.14 -36.78 -3.79
CA PRO B 426 -5.82 -36.39 -4.32
C PRO B 426 -4.75 -37.49 -4.20
N LYS B 427 -3.82 -37.50 -5.15
CA LYS B 427 -2.73 -38.46 -5.18
C LYS B 427 -1.83 -38.32 -3.94
N TRP B 428 -1.66 -37.08 -3.48
CA TRP B 428 -0.90 -36.76 -2.26
C TRP B 428 -1.80 -36.06 -1.23
N LEU B 429 -1.65 -36.44 0.03
CA LEU B 429 -2.46 -35.89 1.13
C LEU B 429 -1.65 -34.90 1.97
N ASP B 430 -2.11 -33.67 2.00
CA ASP B 430 -1.56 -32.65 2.88
C ASP B 430 -2.73 -32.05 3.66
N ALA B 431 -2.80 -32.36 4.96
CA ALA B 431 -3.93 -31.92 5.78
C ALA B 431 -4.16 -30.41 5.78
N ARG B 432 -3.11 -29.63 5.49
CA ARG B 432 -3.23 -28.17 5.38
C ARG B 432 -4.21 -27.67 4.29
N VAL B 433 -4.46 -28.48 3.26
CA VAL B 433 -5.41 -28.08 2.21
C VAL B 433 -6.83 -28.57 2.46
N TYR B 434 -7.04 -29.42 3.47
CA TYR B 434 -8.40 -29.93 3.70
C TYR B 434 -8.95 -29.87 5.15
N ALA B 435 -8.08 -29.61 6.14
CA ALA B 435 -8.51 -29.64 7.55
C ALA B 435 -9.47 -28.51 7.93
N ASP B 436 -9.04 -27.28 7.71
CA ASP B 436 -9.91 -26.13 7.94
C ASP B 436 -10.91 -26.02 6.78
N PRO B 437 -12.22 -25.90 7.08
CA PRO B 437 -13.20 -25.80 5.97
C PRO B 437 -12.93 -24.68 4.95
N MET B 438 -12.30 -23.58 5.38
CA MET B 438 -11.92 -22.49 4.45
C MET B 438 -10.75 -22.87 3.54
N ALA B 439 -9.77 -23.57 4.11
CA ALA B 439 -8.71 -24.18 3.32
C ALA B 439 -9.28 -25.18 2.31
N LEU B 440 -10.22 -26.02 2.74
CA LEU B 440 -10.88 -26.97 1.83
C LEU B 440 -11.66 -26.28 0.70
N LYS B 441 -12.40 -25.22 1.03
CA LYS B 441 -13.09 -24.40 0.04
C LYS B 441 -12.12 -23.93 -1.05
N ASP B 442 -10.99 -23.35 -0.62
CA ASP B 442 -9.92 -22.91 -1.54
C ASP B 442 -9.39 -24.10 -2.37
N PHE B 443 -9.12 -25.23 -1.71
CA PHE B 443 -8.61 -26.42 -2.42
C PHE B 443 -9.62 -27.01 -3.41
N LYS B 444 -10.90 -26.93 -3.09
CA LYS B 444 -11.95 -27.31 -4.05
C LYS B 444 -11.95 -26.43 -5.31
N GLU B 445 -11.79 -25.13 -5.13
CA GLU B 445 -11.64 -24.19 -6.26
C GLU B 445 -10.46 -24.57 -7.15
N PHE B 446 -9.34 -24.92 -6.51
CA PHE B 446 -8.16 -25.39 -7.20
C PHE B 446 -8.44 -26.66 -8.02
N ALA B 447 -9.01 -27.68 -7.36
CA ALA B 447 -9.34 -28.95 -8.02
C ALA B 447 -10.29 -28.75 -9.21
N SER B 448 -11.17 -27.76 -9.11
CA SER B 448 -12.11 -27.37 -10.17
C SER B 448 -11.46 -26.73 -11.40
N GLY B 449 -10.23 -26.24 -11.25
CA GLY B 449 -9.56 -25.50 -12.32
C GLY B 449 -9.89 -24.01 -12.29
N ARG B 450 -10.41 -23.53 -11.16
CA ARG B 450 -10.78 -22.12 -10.98
C ARG B 450 -9.65 -21.28 -10.38
N LYS B 451 -8.48 -21.89 -10.20
CA LYS B 451 -7.28 -21.21 -9.73
C LYS B 451 -6.09 -21.52 -10.63
#